data_4KBA
#
_entry.id   4KBA
#
_cell.length_a   48.689
_cell.length_b   83.964
_cell.length_c   89.290
_cell.angle_alpha   108.00
_cell.angle_beta   105.71
_cell.angle_gamma   93.00
#
_symmetry.space_group_name_H-M   'P 1'
#
loop_
_entity.id
_entity.type
_entity.pdbx_description
1 polymer 'Casein kinase I isoform delta'
2 non-polymer 9-[3-(4-fluorophenyl)-1-methyl-1H-pyrazol-4-yl]-2,3,4,5-tetrahydropyrido[2,3-f][1,4]oxazepine
3 non-polymer 'SULFATE ION'
4 water water
#
_entity_poly.entity_id   1
_entity_poly.type   'polypeptide(L)'
_entity_poly.pdbx_seq_one_letter_code
;MHHHHHHSSGLVPRGSLRVGNRYRLGRKIGSGSFGDIYLGTDIAAGEEVAIKLECVKTKHPQLHIESKIYKMMQGGVGIP
TIRWCGAEGDYNVMVMELLGPSLEDLFNFCSRKFSLKTVLLLADQMISRIEYIHSKNFIHRDVKPDNFLMGLGKKGNLVY
IIDFGLAKKYRDARTHQHIPYRENKNLTGTARYASINTHLGIEQSRRDDLESLGYVLMYFNLGSLPWQGLKAATKRQKYE
RISEKKMSTPIEVLCKGYPSEFATYLNFCRSLRFDDKPDYSYLRQLFRNLFHRQGFSYDYVFDWNMLKFGASRAADDAER
ERRDREERLRH
;
_entity_poly.pdbx_strand_id   A,B,C,D
#
loop_
_chem_comp.id
_chem_comp.type
_chem_comp.name
_chem_comp.formula
1QM non-polymer 9-[3-(4-fluorophenyl)-1-methyl-1H-pyrazol-4-yl]-2,3,4,5-tetrahydropyrido[2,3-f][1,4]oxazepine 'C18 H17 F N4 O'
SO4 non-polymer 'SULFATE ION' 'O4 S -2'
#
# COMPACT_ATOMS: atom_id res chain seq x y z
N LEU A 17 -13.47 26.65 44.10
CA LEU A 17 -14.87 27.00 43.87
C LEU A 17 -15.69 25.82 43.35
N ARG A 18 -17.00 25.78 43.68
CA ARG A 18 -17.92 24.73 43.22
C ARG A 18 -18.22 24.86 41.73
N VAL A 19 -18.19 23.72 40.99
CA VAL A 19 -18.43 23.65 39.56
C VAL A 19 -19.35 22.43 39.25
N GLY A 20 -20.50 22.70 38.64
CA GLY A 20 -21.50 21.72 38.21
C GLY A 20 -21.95 20.69 39.23
N ASN A 21 -22.17 21.12 40.49
CA ASN A 21 -22.64 20.31 41.64
C ASN A 21 -21.69 19.26 42.22
N ARG A 22 -20.71 18.75 41.44
CA ARG A 22 -19.81 17.71 41.94
C ARG A 22 -18.32 18.02 41.81
N TYR A 23 -17.97 19.07 41.07
CA TYR A 23 -16.56 19.41 40.88
C TYR A 23 -16.10 20.59 41.73
N ARG A 24 -14.87 20.50 42.22
CA ARG A 24 -14.22 21.53 43.01
C ARG A 24 -13.08 22.09 42.18
N LEU A 25 -13.14 23.38 41.82
CA LEU A 25 -12.12 24.00 40.98
C LEU A 25 -10.84 24.28 41.78
N GLY A 26 -9.71 23.84 41.23
CA GLY A 26 -8.38 24.01 41.80
C GLY A 26 -7.60 25.13 41.14
N ARG A 27 -6.28 25.10 41.27
CA ARG A 27 -5.38 26.12 40.72
C ARG A 27 -5.12 26.00 39.23
N LYS A 28 -4.88 27.16 38.56
CA LYS A 28 -4.54 27.28 37.14
C LYS A 28 -3.20 26.65 36.87
N ILE A 29 -3.16 25.68 35.96
CA ILE A 29 -1.90 25.01 35.62
C ILE A 29 -1.29 25.47 34.29
N GLY A 30 -2.11 26.05 33.44
CA GLY A 30 -1.64 26.56 32.15
C GLY A 30 -2.73 27.04 31.21
N SER A 31 -2.49 26.86 29.91
CA SER A 31 -3.45 27.27 28.89
C SER A 31 -3.51 26.31 27.72
N GLY A 32 -4.65 26.32 27.06
CA GLY A 32 -4.90 25.59 25.83
C GLY A 32 -4.87 26.60 24.70
N SER A 33 -5.25 26.17 23.50
CA SER A 33 -5.30 27.02 22.31
C SER A 33 -6.29 28.19 22.42
N PHE A 34 -7.43 28.00 23.18
CA PHE A 34 -8.49 29.01 23.40
C PHE A 34 -9.14 28.92 24.82
N GLY A 35 -8.31 28.93 25.85
CA GLY A 35 -8.79 28.86 27.22
C GLY A 35 -7.76 28.41 28.23
N ASP A 36 -8.03 28.69 29.52
CA ASP A 36 -7.15 28.33 30.63
C ASP A 36 -7.45 26.97 31.21
N ILE A 37 -6.38 26.25 31.57
CA ILE A 37 -6.43 24.90 32.16
C ILE A 37 -6.22 25.01 33.65
N TYR A 38 -7.03 24.26 34.41
CA TYR A 38 -7.02 24.19 35.87
C TYR A 38 -7.02 22.75 36.33
N LEU A 39 -6.50 22.53 37.51
CA LEU A 39 -6.57 21.26 38.20
C LEU A 39 -7.94 21.28 38.96
N GLY A 40 -8.48 20.11 39.27
CA GLY A 40 -9.77 20.04 39.95
C GLY A 40 -10.06 18.70 40.58
N THR A 41 -11.16 18.59 41.33
CA THR A 41 -11.53 17.33 41.97
C THR A 41 -12.98 16.97 41.70
N ASP A 42 -13.21 15.72 41.30
CA ASP A 42 -14.56 15.19 41.18
C ASP A 42 -14.85 14.69 42.61
N ILE A 43 -15.61 15.47 43.38
CA ILE A 43 -15.98 15.19 44.79
C ILE A 43 -16.79 13.89 44.93
N ALA A 44 -17.72 13.63 43.98
CA ALA A 44 -18.61 12.47 43.99
C ALA A 44 -17.88 11.14 43.77
N ALA A 45 -16.99 11.09 42.78
CA ALA A 45 -16.22 9.88 42.43
C ALA A 45 -14.90 9.76 43.17
N GLY A 46 -14.45 10.84 43.85
CA GLY A 46 -13.18 10.86 44.55
C GLY A 46 -12.02 10.74 43.58
N GLU A 47 -12.03 11.61 42.56
CA GLU A 47 -11.00 11.58 41.53
C GLU A 47 -10.56 12.97 41.13
N GLU A 48 -9.26 13.14 40.93
CA GLU A 48 -8.67 14.40 40.48
C GLU A 48 -8.98 14.50 39.00
N VAL A 49 -9.36 15.69 38.56
CA VAL A 49 -9.71 15.96 37.16
C VAL A 49 -8.95 17.17 36.60
N ALA A 50 -9.09 17.43 35.28
CA ALA A 50 -8.54 18.59 34.55
C ALA A 50 -9.73 19.36 34.06
N ILE A 51 -9.72 20.68 34.31
CA ILE A 51 -10.84 21.56 33.95
C ILE A 51 -10.38 22.65 32.98
N LYS A 52 -11.11 22.82 31.85
CA LYS A 52 -10.84 23.86 30.86
C LYS A 52 -11.98 24.87 30.90
N LEU A 53 -11.62 26.15 31.06
CA LEU A 53 -12.53 27.29 31.22
C LEU A 53 -12.41 28.18 29.98
N GLU A 54 -13.55 28.71 29.47
CA GLU A 54 -13.49 29.50 28.24
C GLU A 54 -13.69 31.01 28.34
N CYS A 55 -14.90 31.42 28.81
CA CYS A 55 -15.51 32.76 28.94
C CYS A 55 -16.81 32.71 28.12
N VAL A 56 -17.97 32.72 28.81
CA VAL A 56 -19.27 32.62 28.14
C VAL A 56 -19.48 33.67 27.04
N LYS A 57 -19.06 34.90 27.31
CA LYS A 57 -19.21 36.06 26.45
C LYS A 57 -18.15 36.26 25.36
N THR A 58 -17.19 35.30 25.23
CA THR A 58 -16.15 35.36 24.19
C THR A 58 -16.75 35.60 22.81
N LYS A 59 -16.05 36.38 21.97
CA LYS A 59 -16.47 36.71 20.62
C LYS A 59 -16.64 35.47 19.72
N HIS A 60 -15.70 34.51 19.82
CA HIS A 60 -15.65 33.28 19.03
C HIS A 60 -15.78 32.04 19.95
N PRO A 61 -16.99 31.69 20.48
CA PRO A 61 -17.09 30.51 21.36
C PRO A 61 -16.69 29.24 20.64
N GLN A 62 -15.88 28.41 21.31
CA GLN A 62 -15.32 27.20 20.69
C GLN A 62 -15.30 25.98 21.62
N LEU A 63 -15.46 26.18 22.94
CA LEU A 63 -15.44 25.10 23.92
C LEU A 63 -16.44 23.97 23.67
N HIS A 64 -17.68 24.29 23.29
CA HIS A 64 -18.65 23.24 22.99
C HIS A 64 -18.34 22.55 21.65
N ILE A 65 -17.71 23.26 20.69
CA ILE A 65 -17.30 22.68 19.41
C ILE A 65 -16.23 21.61 19.70
N GLU A 66 -15.22 21.96 20.55
CA GLU A 66 -14.10 21.09 20.95
C GLU A 66 -14.64 19.85 21.69
N SER A 67 -15.65 20.04 22.57
CA SER A 67 -16.32 18.98 23.32
C SER A 67 -16.94 17.95 22.36
N LYS A 68 -17.57 18.44 21.28
CA LYS A 68 -18.15 17.59 20.22
C LYS A 68 -17.04 16.75 19.55
N ILE A 69 -15.85 17.38 19.27
CA ILE A 69 -14.71 16.66 18.65
C ILE A 69 -14.24 15.56 19.60
N TYR A 70 -13.98 15.89 20.88
CA TYR A 70 -13.59 14.92 21.90
C TYR A 70 -14.63 13.77 21.99
N LYS A 71 -15.94 14.10 22.02
CA LYS A 71 -17.05 13.13 22.09
C LYS A 71 -17.03 12.17 20.89
N MET A 72 -16.83 12.71 19.68
CA MET A 72 -16.76 11.93 18.46
C MET A 72 -15.53 11.00 18.44
N MET A 73 -14.42 11.45 19.06
CA MET A 73 -13.17 10.68 19.13
C MET A 73 -13.08 9.71 20.32
N GLN A 74 -14.12 9.67 21.20
CA GLN A 74 -14.16 8.73 22.34
C GLN A 74 -14.08 7.27 21.84
N GLY A 75 -13.44 6.42 22.62
CA GLY A 75 -13.28 5.01 22.24
C GLY A 75 -11.94 4.71 21.59
N GLY A 76 -11.33 5.75 21.00
CA GLY A 76 -10.01 5.67 20.40
C GLY A 76 -8.95 5.66 21.48
N VAL A 77 -7.88 4.86 21.26
CA VAL A 77 -6.76 4.72 22.19
C VAL A 77 -6.07 6.09 22.36
N GLY A 78 -5.77 6.49 23.58
CA GLY A 78 -5.08 7.75 23.84
C GLY A 78 -5.90 9.00 23.55
N ILE A 79 -7.23 8.87 23.56
CA ILE A 79 -8.12 9.99 23.40
C ILE A 79 -8.67 10.21 24.81
N PRO A 80 -8.47 11.42 25.38
CA PRO A 80 -8.95 11.68 26.74
C PRO A 80 -10.47 11.66 26.88
N THR A 81 -10.94 11.13 28.02
CA THR A 81 -12.35 11.01 28.40
C THR A 81 -12.84 12.34 28.93
N ILE A 82 -13.89 12.84 28.34
CA ILE A 82 -14.53 14.08 28.80
C ILE A 82 -15.66 13.69 29.77
N ARG A 83 -15.50 14.07 31.05
CA ARG A 83 -16.43 13.72 32.14
C ARG A 83 -17.71 14.59 32.22
N TRP A 84 -17.58 15.92 31.98
CA TRP A 84 -18.70 16.85 32.03
C TRP A 84 -18.46 18.08 31.16
N CYS A 85 -19.59 18.69 30.69
CA CYS A 85 -19.64 19.90 29.86
C CYS A 85 -20.82 20.72 30.35
N GLY A 86 -20.58 21.98 30.65
CA GLY A 86 -21.60 22.91 31.11
C GLY A 86 -21.14 24.35 31.15
N ALA A 87 -21.87 25.18 31.86
CA ALA A 87 -21.52 26.58 32.01
C ALA A 87 -21.77 26.98 33.45
N GLU A 88 -20.77 27.63 34.07
CA GLU A 88 -20.77 28.05 35.47
C GLU A 88 -20.37 29.53 35.50
N GLY A 89 -21.26 30.39 36.00
CA GLY A 89 -21.03 31.84 36.07
C GLY A 89 -20.55 32.50 34.79
N ASP A 90 -19.31 33.05 34.81
CA ASP A 90 -18.70 33.72 33.67
C ASP A 90 -18.09 32.77 32.65
N TYR A 91 -18.08 31.44 32.92
CA TYR A 91 -17.37 30.49 32.03
C TYR A 91 -18.12 29.28 31.55
N ASN A 92 -17.71 28.80 30.36
CA ASN A 92 -18.08 27.53 29.75
C ASN A 92 -17.03 26.55 30.32
N VAL A 93 -17.48 25.37 30.77
CA VAL A 93 -16.67 24.44 31.52
C VAL A 93 -16.62 23.06 30.89
N MET A 94 -15.41 22.62 30.58
CA MET A 94 -15.18 21.27 30.11
C MET A 94 -14.32 20.53 31.18
N VAL A 95 -14.79 19.36 31.59
CA VAL A 95 -14.11 18.53 32.60
C VAL A 95 -13.62 17.27 31.92
N MET A 96 -12.32 17.02 32.03
CA MET A 96 -11.64 15.90 31.43
C MET A 96 -10.96 15.06 32.54
N GLU A 97 -10.72 13.76 32.29
CA GLU A 97 -9.99 12.92 33.23
C GLU A 97 -8.57 13.51 33.44
N LEU A 98 -7.96 13.24 34.59
CA LEU A 98 -6.62 13.74 34.82
C LEU A 98 -5.59 12.94 34.04
N LEU A 99 -4.73 13.67 33.30
CA LEU A 99 -3.65 13.06 32.55
C LEU A 99 -2.34 13.60 33.12
N GLY A 100 -1.22 13.00 32.71
CA GLY A 100 0.07 13.39 33.23
C GLY A 100 0.73 14.55 32.55
N PRO A 101 2.08 14.64 32.69
CA PRO A 101 2.81 15.74 32.05
C PRO A 101 2.83 15.64 30.52
N SER A 102 3.09 16.78 29.87
CA SER A 102 3.23 16.82 28.41
C SER A 102 4.62 16.31 28.05
N LEU A 103 4.79 15.95 26.78
CA LEU A 103 6.09 15.50 26.27
C LEU A 103 7.11 16.63 26.35
N GLU A 104 6.64 17.90 26.23
CA GLU A 104 7.49 19.09 26.41
C GLU A 104 7.98 19.18 27.84
N ASP A 105 7.07 19.03 28.85
CA ASP A 105 7.41 19.01 30.26
C ASP A 105 8.37 17.86 30.55
N LEU A 106 8.10 16.66 30.00
CA LEU A 106 8.95 15.48 30.19
C LEU A 106 10.33 15.61 29.55
N PHE A 107 10.40 16.30 28.40
CA PHE A 107 11.66 16.57 27.68
C PHE A 107 12.56 17.48 28.53
N ASN A 108 12.00 18.59 29.06
CA ASN A 108 12.69 19.55 29.94
C ASN A 108 13.15 18.90 31.23
N PHE A 109 12.32 18.00 31.79
CA PHE A 109 12.62 17.27 33.02
C PHE A 109 13.78 16.28 32.78
N CYS A 110 13.93 15.80 31.52
CA CYS A 110 14.98 14.88 31.09
C CYS A 110 16.19 15.62 30.50
N SER A 111 16.35 16.93 30.84
CA SER A 111 17.47 17.78 30.38
C SER A 111 17.53 17.95 28.86
N ARG A 112 16.35 17.98 28.21
CA ARG A 112 16.20 18.14 26.75
C ARG A 112 17.01 17.10 25.93
N LYS A 113 17.01 15.84 26.44
CA LYS A 113 17.67 14.72 25.79
C LYS A 113 16.88 13.45 26.02
N PHE A 114 16.48 12.79 24.94
CA PHE A 114 15.78 11.52 24.99
C PHE A 114 16.65 10.47 24.29
N SER A 115 16.68 9.24 24.84
CA SER A 115 17.39 8.13 24.20
C SER A 115 16.64 7.78 22.91
N LEU A 116 17.29 7.07 22.02
CA LEU A 116 16.70 6.63 20.77
C LEU A 116 15.49 5.74 21.03
N LYS A 117 15.58 4.83 22.05
CA LYS A 117 14.51 3.92 22.44
C LYS A 117 13.27 4.74 22.80
N THR A 118 13.41 5.79 23.64
CA THR A 118 12.30 6.68 24.02
C THR A 118 11.67 7.37 22.78
N VAL A 119 12.52 7.95 21.92
CA VAL A 119 12.02 8.61 20.69
C VAL A 119 11.19 7.62 19.85
N LEU A 120 11.67 6.37 19.69
CA LEU A 120 10.97 5.34 18.90
C LEU A 120 9.67 4.87 19.55
N LEU A 121 9.67 4.67 20.88
CA LEU A 121 8.46 4.27 21.58
C LEU A 121 7.39 5.40 21.43
N LEU A 122 7.83 6.67 21.52
CA LEU A 122 6.94 7.83 21.36
C LEU A 122 6.43 7.93 19.92
N ALA A 123 7.33 7.76 18.92
CA ALA A 123 6.98 7.83 17.49
C ALA A 123 5.87 6.82 17.14
N ASP A 124 6.00 5.56 17.63
CA ASP A 124 5.02 4.50 17.32
C ASP A 124 3.61 4.89 17.71
N GLN A 125 3.46 5.39 18.93
CA GLN A 125 2.18 5.81 19.48
C GLN A 125 1.66 7.10 18.85
N MET A 126 2.55 8.10 18.65
CA MET A 126 2.18 9.39 18.08
C MET A 126 1.67 9.30 16.63
N ILE A 127 2.22 8.34 15.84
CA ILE A 127 1.75 8.12 14.46
C ILE A 127 0.31 7.57 14.55
N SER A 128 0.08 6.59 15.45
CA SER A 128 -1.24 5.98 15.70
C SER A 128 -2.30 6.97 16.15
N ARG A 129 -1.93 7.94 17.04
CA ARG A 129 -2.83 8.99 17.51
C ARG A 129 -3.26 9.87 16.33
N ILE A 130 -2.29 10.27 15.49
CA ILE A 130 -2.56 11.11 14.32
C ILE A 130 -3.46 10.37 13.32
N GLU A 131 -3.17 9.06 13.08
CA GLU A 131 -3.97 8.21 12.19
C GLU A 131 -5.42 8.07 12.66
N TYR A 132 -5.64 7.91 13.98
CA TYR A 132 -6.99 7.82 14.53
C TYR A 132 -7.79 9.10 14.29
N ILE A 133 -7.18 10.28 14.56
CA ILE A 133 -7.80 11.60 14.34
C ILE A 133 -8.20 11.72 12.84
N HIS A 134 -7.29 11.30 11.93
CA HIS A 134 -7.54 11.33 10.48
C HIS A 134 -8.66 10.36 10.08
N SER A 135 -8.74 9.16 10.72
CA SER A 135 -9.80 8.16 10.49
C SER A 135 -11.20 8.74 10.89
N LYS A 136 -11.18 9.78 11.74
CA LYS A 136 -12.38 10.44 12.22
C LYS A 136 -12.67 11.75 11.47
N ASN A 137 -12.08 11.88 10.26
CA ASN A 137 -12.28 12.99 9.33
C ASN A 137 -11.75 14.35 9.79
N PHE A 138 -10.79 14.34 10.72
CA PHE A 138 -10.21 15.58 11.22
C PHE A 138 -8.69 15.58 11.09
N ILE A 139 -8.13 16.78 10.92
CA ILE A 139 -6.69 17.05 10.97
C ILE A 139 -6.46 17.90 12.22
N HIS A 140 -5.38 17.64 12.94
CA HIS A 140 -5.07 18.29 14.22
C HIS A 140 -4.64 19.75 14.04
N ARG A 141 -3.65 19.95 13.16
CA ARG A 141 -3.07 21.25 12.75
C ARG A 141 -2.07 21.88 13.73
N ASP A 142 -1.89 21.29 14.92
CA ASP A 142 -0.94 21.77 15.92
C ASP A 142 -0.22 20.63 16.61
N VAL A 143 0.39 19.75 15.81
CA VAL A 143 1.17 18.63 16.31
C VAL A 143 2.47 19.22 16.88
N LYS A 144 2.61 19.17 18.21
CA LYS A 144 3.76 19.71 18.96
C LYS A 144 3.92 18.92 20.29
N PRO A 145 5.12 18.91 20.96
CA PRO A 145 5.28 18.15 22.23
C PRO A 145 4.26 18.45 23.32
N ASP A 146 3.83 19.73 23.43
CA ASP A 146 2.87 20.26 24.43
C ASP A 146 1.47 19.60 24.29
N ASN A 147 1.15 19.14 23.07
CA ASN A 147 -0.14 18.54 22.74
C ASN A 147 -0.23 17.03 22.85
N PHE A 148 0.81 16.41 23.45
CA PHE A 148 0.83 15.01 23.75
C PHE A 148 1.12 14.87 25.24
N LEU A 149 0.27 14.13 25.96
CA LEU A 149 0.45 13.94 27.41
C LEU A 149 0.56 12.46 27.68
N MET A 150 1.36 12.09 28.70
CA MET A 150 1.41 10.70 29.14
C MET A 150 0.24 10.55 30.11
N GLY A 151 -0.35 9.37 30.20
CA GLY A 151 -1.38 9.13 31.18
C GLY A 151 -0.76 9.02 32.57
N LEU A 152 -1.58 8.78 33.59
CA LEU A 152 -1.10 8.56 34.95
C LEU A 152 -1.46 7.14 35.41
N GLY A 153 -0.79 6.68 36.46
CA GLY A 153 -0.97 5.35 37.06
C GLY A 153 -0.89 4.21 36.07
N LYS A 154 -2.03 3.49 35.93
CA LYS A 154 -2.16 2.34 35.03
C LYS A 154 -2.03 2.72 33.55
N LYS A 155 -2.28 3.99 33.20
CA LYS A 155 -2.19 4.50 31.84
C LYS A 155 -0.89 5.30 31.60
N GLY A 156 0.08 5.17 32.51
CA GLY A 156 1.38 5.84 32.44
C GLY A 156 2.24 5.54 31.22
N ASN A 157 1.96 4.43 30.53
CA ASN A 157 2.69 3.97 29.32
C ASN A 157 2.02 4.51 28.04
N LEU A 158 0.83 5.11 28.19
CA LEU A 158 0.00 5.62 27.09
C LEU A 158 0.27 7.07 26.75
N VAL A 159 0.46 7.34 25.43
CA VAL A 159 0.63 8.70 24.93
C VAL A 159 -0.77 9.16 24.54
N TYR A 160 -1.23 10.26 25.13
CA TYR A 160 -2.54 10.84 24.79
C TYR A 160 -2.36 12.05 23.88
N ILE A 161 -3.30 12.27 22.95
CA ILE A 161 -3.28 13.47 22.12
C ILE A 161 -4.35 14.42 22.67
N ILE A 162 -4.02 15.70 22.81
CA ILE A 162 -4.95 16.70 23.33
C ILE A 162 -5.07 17.92 22.41
N ASP A 163 -6.01 18.82 22.75
CA ASP A 163 -6.29 20.09 22.14
C ASP A 163 -6.76 20.02 20.69
N PHE A 164 -8.07 20.26 20.50
CA PHE A 164 -8.73 20.25 19.18
C PHE A 164 -9.24 21.63 18.82
N GLY A 165 -8.70 22.65 19.49
CA GLY A 165 -9.06 24.05 19.26
C GLY A 165 -8.74 24.55 17.87
N LEU A 166 -7.64 24.04 17.28
CA LEU A 166 -7.18 24.39 15.93
C LEU A 166 -7.56 23.34 14.90
N ALA A 167 -8.20 22.23 15.32
CA ALA A 167 -8.59 21.13 14.45
C ALA A 167 -9.66 21.51 13.44
N LYS A 168 -9.64 20.84 12.28
CA LYS A 168 -10.56 21.08 11.18
C LYS A 168 -10.95 19.77 10.50
N LYS A 169 -12.19 19.68 10.01
CA LYS A 169 -12.67 18.55 9.24
C LYS A 169 -12.01 18.64 7.83
N TYR A 170 -11.33 17.57 7.37
CA TYR A 170 -10.66 17.60 6.06
C TYR A 170 -11.50 16.85 5.01
N GLY A 189 -1.21 26.95 13.74
CA GLY A 189 -0.35 26.07 14.49
C GLY A 189 0.89 26.78 15.03
N THR A 190 1.92 26.00 15.39
CA THR A 190 3.20 26.50 15.91
C THR A 190 4.24 26.52 14.79
N ALA A 191 4.87 27.69 14.59
CA ALA A 191 5.88 27.92 13.55
C ALA A 191 7.06 26.95 13.61
N ARG A 192 7.51 26.57 14.83
CA ARG A 192 8.64 25.66 15.01
C ARG A 192 8.41 24.29 14.35
N TYR A 193 7.19 23.76 14.45
CA TYR A 193 6.86 22.43 13.94
C TYR A 193 6.03 22.44 12.64
N ALA A 194 5.66 23.63 12.15
CA ALA A 194 4.88 23.76 10.92
C ALA A 194 5.59 23.12 9.68
N SER A 195 4.80 22.48 8.81
CA SER A 195 5.27 21.88 7.57
C SER A 195 5.71 22.99 6.60
N ILE A 196 6.54 22.64 5.59
CA ILE A 196 6.97 23.59 4.55
C ILE A 196 5.74 24.13 3.81
N ASN A 197 4.75 23.26 3.52
CA ASN A 197 3.48 23.60 2.86
C ASN A 197 2.72 24.69 3.66
N THR A 198 2.78 24.61 5.00
CA THR A 198 2.10 25.57 5.89
C THR A 198 2.78 26.93 5.75
N HIS A 199 4.15 26.95 5.79
CA HIS A 199 4.93 28.17 5.61
C HIS A 199 4.65 28.84 4.26
N LEU A 200 4.34 28.04 3.23
CA LEU A 200 3.98 28.52 1.90
C LEU A 200 2.56 29.06 1.81
N GLY A 201 1.77 28.85 2.87
CA GLY A 201 0.39 29.31 2.99
C GLY A 201 -0.62 28.33 2.42
N ILE A 202 -0.23 27.06 2.21
CA ILE A 202 -1.11 26.02 1.66
C ILE A 202 -2.04 25.49 2.76
N GLU A 203 -3.29 25.15 2.39
CA GLU A 203 -4.29 24.56 3.29
C GLU A 203 -3.70 23.27 3.88
N GLN A 204 -3.78 23.13 5.20
CA GLN A 204 -3.24 21.95 5.89
C GLN A 204 -4.08 20.70 5.62
N SER A 205 -3.40 19.56 5.50
CA SER A 205 -4.04 18.27 5.28
C SER A 205 -3.34 17.20 6.11
N ARG A 206 -3.64 15.90 5.85
CA ARG A 206 -3.09 14.76 6.62
C ARG A 206 -1.56 14.72 6.66
N ARG A 207 -0.93 15.00 5.54
CA ARG A 207 0.55 15.02 5.38
C ARG A 207 1.22 16.04 6.34
N ASP A 208 0.55 17.19 6.58
CA ASP A 208 1.06 18.28 7.43
C ASP A 208 1.17 17.88 8.90
N ASP A 209 0.17 17.13 9.41
CA ASP A 209 0.18 16.63 10.80
C ASP A 209 1.39 15.69 10.96
N LEU A 210 1.59 14.81 9.98
CA LEU A 210 2.71 13.88 9.98
C LEU A 210 4.08 14.54 9.80
N GLU A 211 4.19 15.55 8.92
CA GLU A 211 5.46 16.27 8.74
C GLU A 211 5.84 16.99 10.04
N SER A 212 4.83 17.60 10.74
CA SER A 212 5.04 18.25 12.04
C SER A 212 5.57 17.25 13.07
N LEU A 213 5.04 16.02 13.05
CA LEU A 213 5.51 14.95 13.94
C LEU A 213 6.99 14.62 13.64
N GLY A 214 7.37 14.69 12.36
CA GLY A 214 8.75 14.44 11.95
C GLY A 214 9.72 15.44 12.54
N TYR A 215 9.31 16.72 12.60
CA TYR A 215 10.10 17.77 13.23
C TYR A 215 10.14 17.61 14.74
N VAL A 216 9.04 17.13 15.34
CA VAL A 216 8.99 16.92 16.80
C VAL A 216 9.98 15.78 17.18
N LEU A 217 10.02 14.69 16.37
CA LEU A 217 10.94 13.56 16.59
C LEU A 217 12.41 13.97 16.50
N MET A 218 12.74 14.81 15.50
CA MET A 218 14.08 15.36 15.33
C MET A 218 14.46 16.34 16.45
N TYR A 219 13.46 17.14 16.93
CA TYR A 219 13.60 18.04 18.06
C TYR A 219 13.99 17.24 19.31
N PHE A 220 13.35 16.07 19.53
CA PHE A 220 13.64 15.15 20.66
C PHE A 220 15.06 14.56 20.52
N ASN A 221 15.51 14.29 19.28
CA ASN A 221 16.85 13.77 19.04
C ASN A 221 17.94 14.81 19.25
N LEU A 222 17.73 16.06 18.77
CA LEU A 222 18.74 17.13 18.83
C LEU A 222 18.75 17.96 20.11
N GLY A 223 17.60 18.09 20.74
CA GLY A 223 17.42 18.93 21.92
C GLY A 223 16.87 20.29 21.51
N SER A 224 16.98 20.60 20.19
CA SER A 224 16.52 21.84 19.57
C SER A 224 16.44 21.63 18.04
N LEU A 225 15.81 22.57 17.33
CA LEU A 225 15.76 22.53 15.86
C LEU A 225 16.58 23.70 15.34
N PRO A 226 17.23 23.59 14.15
CA PRO A 226 18.08 24.70 13.66
C PRO A 226 17.39 26.04 13.40
N TRP A 227 16.04 26.05 13.32
CA TRP A 227 15.24 27.26 13.08
C TRP A 227 14.59 27.80 14.36
N GLN A 228 14.97 27.22 15.52
CA GLN A 228 14.50 27.62 16.86
C GLN A 228 15.37 28.76 17.39
N GLY A 229 14.74 29.71 18.07
CA GLY A 229 15.39 30.88 18.65
C GLY A 229 16.12 31.76 17.66
N LEU A 230 15.50 31.99 16.48
CA LEU A 230 16.11 32.83 15.45
C LEU A 230 15.94 34.32 15.77
N ARG A 241 11.55 33.86 7.92
CA ARG A 241 12.72 33.61 8.76
C ARG A 241 12.84 32.15 9.19
N ILE A 242 11.81 31.59 9.86
CA ILE A 242 11.79 30.16 10.23
C ILE A 242 11.58 29.38 8.90
N SER A 243 10.67 29.91 8.06
CA SER A 243 10.35 29.39 6.74
C SER A 243 11.60 29.29 5.88
N GLU A 244 12.42 30.38 5.81
CA GLU A 244 13.68 30.47 5.04
C GLU A 244 14.69 29.43 5.54
N LYS A 245 14.85 29.30 6.87
CA LYS A 245 15.76 28.32 7.49
C LYS A 245 15.35 26.87 7.22
N LYS A 246 14.04 26.57 7.33
CA LYS A 246 13.49 25.22 7.08
C LYS A 246 13.71 24.81 5.62
N MET A 247 13.46 25.76 4.69
CA MET A 247 13.62 25.53 3.27
C MET A 247 15.09 25.43 2.82
N SER A 248 16.01 26.10 3.55
CA SER A 248 17.44 26.06 3.24
C SER A 248 18.20 24.95 4.01
N THR A 249 17.50 24.17 4.86
CA THR A 249 18.10 23.08 5.61
C THR A 249 17.72 21.72 4.99
N PRO A 250 18.60 21.08 4.18
CA PRO A 250 18.24 19.76 3.61
C PRO A 250 17.96 18.74 4.71
N ILE A 251 16.94 17.87 4.48
CA ILE A 251 16.53 16.82 5.43
C ILE A 251 17.73 15.99 5.91
N GLU A 252 18.68 15.71 5.00
CA GLU A 252 19.90 14.97 5.32
C GLU A 252 20.84 15.73 6.28
N VAL A 253 20.87 17.08 6.21
CA VAL A 253 21.68 17.91 7.12
C VAL A 253 21.00 17.94 8.51
N LEU A 254 19.67 18.11 8.52
CA LEU A 254 18.84 18.14 9.73
C LEU A 254 19.02 16.82 10.51
N CYS A 255 18.94 15.70 9.79
CA CYS A 255 19.00 14.36 10.38
C CYS A 255 20.41 13.73 10.46
N LYS A 256 21.47 14.51 10.11
CA LYS A 256 22.86 14.02 10.13
C LYS A 256 23.27 13.47 11.51
N GLY A 257 23.85 12.27 11.50
CA GLY A 257 24.30 11.57 12.69
C GLY A 257 23.22 10.77 13.38
N TYR A 258 21.99 10.77 12.83
CA TYR A 258 20.85 10.05 13.41
C TYR A 258 20.40 8.96 12.47
N PRO A 259 19.71 7.88 12.92
CA PRO A 259 19.30 6.82 11.97
C PRO A 259 18.54 7.38 10.76
N SER A 260 18.81 6.81 9.58
CA SER A 260 18.23 7.23 8.29
C SER A 260 16.69 7.33 8.29
N GLU A 261 16.01 6.49 9.12
CA GLU A 261 14.57 6.40 9.24
C GLU A 261 13.90 7.77 9.50
N PHE A 262 14.57 8.65 10.28
CA PHE A 262 14.07 10.00 10.57
C PHE A 262 14.00 10.86 9.32
N ALA A 263 15.02 10.71 8.42
CA ALA A 263 15.08 11.42 7.13
C ALA A 263 14.05 10.80 6.17
N THR A 264 14.03 9.45 6.05
CA THR A 264 13.09 8.69 5.21
C THR A 264 11.66 9.10 5.57
N TYR A 265 11.36 9.22 6.90
CA TYR A 265 10.06 9.64 7.41
C TYR A 265 9.72 11.03 6.84
N LEU A 266 10.62 12.02 7.06
CA LEU A 266 10.38 13.40 6.60
C LEU A 266 10.27 13.52 5.08
N ASN A 267 11.09 12.72 4.33
CA ASN A 267 11.05 12.69 2.88
C ASN A 267 9.70 12.14 2.40
N PHE A 268 9.19 11.09 3.05
CA PHE A 268 7.90 10.48 2.70
C PHE A 268 6.78 11.53 2.88
N CYS A 269 6.77 12.21 4.03
CA CYS A 269 5.76 13.25 4.38
C CYS A 269 5.79 14.41 3.36
N ARG A 270 7.01 14.87 2.98
CA ARG A 270 7.24 15.94 1.99
C ARG A 270 6.86 15.50 0.58
N SER A 271 6.76 14.18 0.33
CA SER A 271 6.41 13.66 -1.00
C SER A 271 4.91 13.44 -1.18
N LEU A 272 4.15 13.35 -0.07
CA LEU A 272 2.69 13.16 -0.09
C LEU A 272 1.96 14.31 -0.81
N ARG A 273 0.95 13.96 -1.59
CA ARG A 273 0.12 14.95 -2.30
C ARG A 273 -0.92 15.49 -1.30
N PHE A 274 -1.52 16.65 -1.61
CA PHE A 274 -2.51 17.30 -0.75
C PHE A 274 -3.63 16.37 -0.26
N ASP A 275 -4.30 15.65 -1.18
CA ASP A 275 -5.43 14.76 -0.84
C ASP A 275 -5.04 13.31 -0.51
N ASP A 276 -3.72 13.00 -0.54
CA ASP A 276 -3.18 11.66 -0.30
C ASP A 276 -3.48 11.10 1.08
N LYS A 277 -3.87 9.81 1.11
CA LYS A 277 -4.06 9.08 2.36
C LYS A 277 -2.63 8.56 2.69
N PRO A 278 -2.00 9.03 3.79
CA PRO A 278 -0.64 8.58 4.11
C PRO A 278 -0.57 7.11 4.46
N ASP A 279 0.55 6.47 4.16
CA ASP A 279 0.75 5.07 4.53
C ASP A 279 1.29 5.04 5.97
N TYR A 280 0.40 5.13 6.97
CA TYR A 280 0.74 5.16 8.40
C TYR A 280 1.46 3.91 8.83
N SER A 281 1.01 2.74 8.29
CA SER A 281 1.61 1.42 8.53
C SER A 281 3.08 1.43 8.09
N TYR A 282 3.38 2.00 6.93
CA TYR A 282 4.75 2.06 6.43
C TYR A 282 5.67 2.86 7.37
N LEU A 283 5.19 4.00 7.84
CA LEU A 283 5.91 4.90 8.72
C LEU A 283 6.18 4.27 10.08
N ARG A 284 5.18 3.57 10.66
CA ARG A 284 5.37 2.87 11.95
C ARG A 284 6.37 1.73 11.77
N GLN A 285 6.25 0.97 10.65
CA GLN A 285 7.13 -0.14 10.28
C GLN A 285 8.57 0.32 10.14
N LEU A 286 8.77 1.56 9.62
CA LEU A 286 10.09 2.17 9.43
C LEU A 286 10.80 2.25 10.80
N PHE A 287 10.14 2.83 11.80
CA PHE A 287 10.67 2.96 13.14
C PHE A 287 10.71 1.63 13.90
N ARG A 288 9.71 0.75 13.66
CA ARG A 288 9.63 -0.59 14.26
C ARG A 288 10.81 -1.48 13.82
N ASN A 289 11.17 -1.44 12.53
CA ASN A 289 12.32 -2.21 12.00
C ASN A 289 13.63 -1.73 12.59
N LEU A 290 13.77 -0.40 12.78
CA LEU A 290 14.94 0.21 13.40
C LEU A 290 15.01 -0.19 14.89
N PHE A 291 13.86 -0.18 15.60
CA PHE A 291 13.69 -0.58 17.01
C PHE A 291 14.24 -2.02 17.20
N HIS A 292 13.82 -2.94 16.31
CA HIS A 292 14.25 -4.34 16.32
C HIS A 292 15.75 -4.51 16.01
N ARG A 293 16.28 -3.71 15.05
CA ARG A 293 17.70 -3.76 14.64
C ARG A 293 18.58 -3.26 15.80
N GLN A 294 18.06 -2.30 16.58
CA GLN A 294 18.74 -1.75 17.75
C GLN A 294 18.71 -2.70 18.96
N GLY A 295 17.84 -3.71 18.89
CA GLY A 295 17.68 -4.72 19.95
C GLY A 295 16.91 -4.27 21.16
N PHE A 296 16.11 -3.18 21.02
CA PHE A 296 15.30 -2.64 22.11
C PHE A 296 14.08 -3.53 22.34
N SER A 297 13.59 -3.58 23.60
CA SER A 297 12.37 -4.32 23.95
C SER A 297 11.21 -3.37 24.12
N TYR A 298 10.05 -3.73 23.57
CA TYR A 298 8.85 -2.92 23.64
C TYR A 298 8.21 -3.18 25.00
N ASP A 299 8.79 -2.56 26.03
CA ASP A 299 8.42 -2.71 27.43
C ASP A 299 7.84 -1.44 28.06
N TYR A 300 7.67 -0.36 27.27
CA TYR A 300 7.18 0.95 27.72
C TYR A 300 8.06 1.56 28.83
N VAL A 301 9.37 1.24 28.86
CA VAL A 301 10.18 1.95 29.85
C VAL A 301 10.83 3.13 29.16
N PHE A 302 10.38 4.33 29.52
CA PHE A 302 10.84 5.58 28.92
C PHE A 302 11.97 6.16 29.78
N ASP A 303 12.72 7.14 29.27
CA ASP A 303 13.82 7.78 30.03
C ASP A 303 13.40 8.30 31.40
N TRP A 304 12.22 8.94 31.50
CA TRP A 304 11.72 9.49 32.77
C TRP A 304 11.38 8.43 33.81
N ASN A 305 11.07 7.17 33.37
CA ASN A 305 10.80 6.05 34.28
C ASN A 305 12.06 5.59 35.04
N MET A 306 13.23 6.05 34.58
CA MET A 306 14.53 5.72 35.15
C MET A 306 15.02 6.69 36.23
N LEU A 307 14.24 7.71 36.59
CA LEU A 307 14.62 8.70 37.60
C LEU A 307 14.42 8.27 39.07
N LEU B 17 41.04 25.85 -43.88
CA LEU B 17 40.31 24.79 -44.56
C LEU B 17 40.74 23.34 -44.19
N ARG B 18 42.01 22.95 -44.45
CA ARG B 18 42.53 21.61 -44.12
C ARG B 18 42.73 21.46 -42.61
N VAL B 19 42.31 20.31 -42.05
CA VAL B 19 42.41 19.98 -40.62
C VAL B 19 42.91 18.52 -40.47
N GLY B 20 44.05 18.35 -39.84
CA GLY B 20 44.67 17.05 -39.56
C GLY B 20 44.84 16.07 -40.71
N ASN B 21 45.24 16.58 -41.89
CA ASN B 21 45.51 15.84 -43.15
C ASN B 21 44.30 15.23 -43.89
N ARG B 22 43.18 14.92 -43.20
CA ARG B 22 42.02 14.29 -43.84
C ARG B 22 40.69 15.02 -43.65
N TYR B 23 40.65 16.01 -42.76
CA TYR B 23 39.41 16.75 -42.52
C TYR B 23 39.40 18.11 -43.22
N ARG B 24 38.22 18.47 -43.76
CA ARG B 24 37.99 19.73 -44.45
C ARG B 24 37.02 20.50 -43.56
N LEU B 25 37.46 21.66 -43.05
CA LEU B 25 36.64 22.49 -42.17
C LEU B 25 35.56 23.23 -42.95
N GLY B 26 34.33 23.09 -42.48
CA GLY B 26 33.13 23.73 -43.03
C GLY B 26 32.71 24.95 -42.22
N ARG B 27 31.42 25.32 -42.33
CA ARG B 27 30.85 26.48 -41.68
C ARG B 27 30.53 26.28 -40.20
N LYS B 28 30.65 27.38 -39.41
CA LYS B 28 30.34 27.34 -37.98
C LYS B 28 28.86 27.10 -37.82
N ILE B 29 28.51 26.19 -36.92
CA ILE B 29 27.10 25.86 -36.67
C ILE B 29 26.64 26.32 -35.27
N GLY B 30 27.58 26.48 -34.35
CA GLY B 30 27.30 26.93 -32.99
C GLY B 30 28.50 26.92 -32.07
N SER B 31 28.24 26.65 -30.77
CA SER B 31 29.22 26.61 -29.68
C SER B 31 28.74 25.73 -28.52
N GLY B 32 29.68 25.20 -27.73
CA GLY B 32 29.41 24.36 -26.57
C GLY B 32 29.48 25.16 -25.29
N SER B 33 29.87 24.52 -24.14
CA SER B 33 30.04 25.20 -22.83
C SER B 33 31.19 26.22 -22.91
N PHE B 34 32.01 26.04 -23.95
CA PHE B 34 33.12 26.83 -24.45
C PHE B 34 33.09 26.44 -25.93
N GLY B 35 33.08 27.43 -26.83
CA GLY B 35 32.98 27.19 -28.27
C GLY B 35 34.22 26.60 -28.93
N ASP B 36 34.28 26.52 -30.29
CA ASP B 36 33.26 26.84 -31.30
C ASP B 36 33.02 25.59 -32.16
N ILE B 37 31.75 25.34 -32.54
CA ILE B 37 31.35 24.15 -33.29
C ILE B 37 31.13 24.39 -34.79
N TYR B 38 31.77 23.54 -35.61
CA TYR B 38 31.76 23.64 -37.07
C TYR B 38 31.35 22.33 -37.69
N LEU B 39 30.82 22.42 -38.90
CA LEU B 39 30.52 21.25 -39.70
C LEU B 39 31.84 20.94 -40.45
N GLY B 40 32.00 19.71 -40.89
CA GLY B 40 33.22 19.32 -41.58
C GLY B 40 33.07 18.03 -42.37
N THR B 41 34.09 17.71 -43.16
CA THR B 41 34.06 16.49 -43.94
C THR B 41 35.32 15.67 -43.72
N ASP B 42 35.13 14.36 -43.48
CA ASP B 42 36.24 13.42 -43.44
C ASP B 42 36.42 13.06 -44.93
N ILE B 43 37.42 13.65 -45.58
CA ILE B 43 37.75 13.46 -47.00
C ILE B 43 38.13 12.00 -47.32
N ALA B 44 38.87 11.35 -46.41
CA ALA B 44 39.34 9.97 -46.58
C ALA B 44 38.22 8.91 -46.56
N ALA B 45 37.31 9.03 -45.61
CA ALA B 45 36.18 8.11 -45.43
C ALA B 45 34.93 8.51 -46.18
N GLY B 46 34.87 9.74 -46.68
CA GLY B 46 33.71 10.26 -47.39
C GLY B 46 32.52 10.41 -46.44
N GLU B 47 32.75 11.06 -45.31
CA GLU B 47 31.72 11.22 -44.31
C GLU B 47 31.74 12.59 -43.69
N GLU B 48 30.55 13.12 -43.43
CA GLU B 48 30.40 14.41 -42.76
C GLU B 48 30.73 14.21 -41.27
N VAL B 49 31.41 15.19 -40.66
CA VAL B 49 31.82 15.18 -39.25
C VAL B 49 31.46 16.55 -38.60
N ALA B 50 31.64 16.64 -37.29
CA ALA B 50 31.47 17.89 -36.53
C ALA B 50 32.83 18.18 -35.86
N ILE B 51 33.30 19.43 -36.00
CA ILE B 51 34.61 19.82 -35.47
C ILE B 51 34.49 20.92 -34.43
N LYS B 52 35.12 20.72 -33.25
CA LYS B 52 35.15 21.69 -32.15
C LYS B 52 36.55 22.32 -32.12
N LEU B 53 36.61 23.66 -32.20
CA LEU B 53 37.86 24.45 -32.22
C LEU B 53 38.05 25.24 -30.91
N GLU B 54 39.32 25.46 -30.51
CA GLU B 54 39.67 26.21 -29.30
C GLU B 54 41.03 26.92 -29.49
N CYS B 55 41.08 28.24 -29.24
CA CYS B 55 42.28 29.08 -29.38
C CYS B 55 43.48 28.57 -28.58
N GLN B 62 40.71 23.54 -21.91
CA GLN B 62 39.49 22.82 -21.56
C GLN B 62 39.09 21.72 -22.57
N LEU B 63 39.42 21.91 -23.87
CA LEU B 63 39.12 20.93 -24.93
C LEU B 63 39.83 19.59 -24.69
N HIS B 64 41.12 19.65 -24.28
CA HIS B 64 41.94 18.48 -23.99
C HIS B 64 41.37 17.64 -22.83
N ILE B 65 40.90 18.31 -21.75
CA ILE B 65 40.30 17.64 -20.59
C ILE B 65 39.01 16.92 -21.04
N GLU B 66 38.17 17.62 -21.84
CA GLU B 66 36.93 17.13 -22.41
C GLU B 66 37.13 15.90 -23.27
N SER B 67 38.18 15.94 -24.14
CA SER B 67 38.57 14.84 -25.03
C SER B 67 38.82 13.58 -24.21
N LYS B 68 39.56 13.71 -23.09
CA LYS B 68 39.87 12.63 -22.15
C LYS B 68 38.57 12.03 -21.60
N ILE B 69 37.57 12.89 -21.24
CA ILE B 69 36.27 12.42 -20.73
C ILE B 69 35.53 11.62 -21.82
N TYR B 70 35.42 12.18 -23.03
CA TYR B 70 34.81 11.49 -24.17
C TYR B 70 35.50 10.13 -24.42
N LYS B 71 36.86 10.10 -24.40
CA LYS B 71 37.68 8.88 -24.62
C LYS B 71 37.31 7.80 -23.59
N MET B 72 37.20 8.19 -22.30
CA MET B 72 36.84 7.30 -21.19
C MET B 72 35.38 6.80 -21.30
N MET B 73 34.51 7.59 -21.98
CA MET B 73 33.09 7.29 -22.21
C MET B 73 32.83 6.42 -23.47
N GLN B 74 33.84 6.28 -24.37
CA GLN B 74 33.70 5.52 -25.62
C GLN B 74 33.21 4.08 -25.39
N GLY B 75 32.38 3.58 -26.30
CA GLY B 75 31.83 2.23 -26.17
C GLY B 75 30.43 2.20 -25.60
N GLY B 76 30.09 3.23 -24.82
CA GLY B 76 28.76 3.40 -24.24
C GLY B 76 27.75 3.83 -25.29
N VAL B 77 26.50 3.32 -25.17
CA VAL B 77 25.35 3.62 -26.06
C VAL B 77 25.09 5.16 -25.99
N GLY B 78 24.96 5.83 -27.15
CA GLY B 78 24.68 7.26 -27.16
C GLY B 78 25.79 8.17 -26.69
N ILE B 79 27.02 7.68 -26.76
CA ILE B 79 28.20 8.47 -26.44
C ILE B 79 28.82 8.76 -27.79
N PRO B 80 28.99 10.05 -28.15
CA PRO B 80 29.56 10.36 -29.47
C PRO B 80 31.01 9.93 -29.62
N THR B 81 31.34 9.38 -30.81
CA THR B 81 32.67 8.91 -31.16
C THR B 81 33.55 10.08 -31.52
N ILE B 82 34.74 10.15 -30.90
CA ILE B 82 35.75 11.14 -31.27
C ILE B 82 36.50 10.40 -32.37
N ARG B 83 36.53 10.98 -33.57
CA ARG B 83 37.21 10.40 -34.71
C ARG B 83 38.70 10.81 -34.67
N TRP B 84 38.99 12.04 -34.18
CA TRP B 84 40.33 12.60 -34.10
C TRP B 84 40.46 13.74 -33.06
N CYS B 85 41.68 13.90 -32.52
CA CYS B 85 42.07 14.91 -31.55
C CYS B 85 43.48 15.39 -31.88
N GLY B 86 43.67 16.70 -31.84
CA GLY B 86 44.97 17.32 -32.11
C GLY B 86 44.96 18.84 -32.16
N ALA B 87 45.97 19.42 -32.85
CA ALA B 87 46.12 20.87 -32.99
C ALA B 87 46.49 21.27 -34.42
N GLU B 88 45.72 22.21 -34.99
CA GLU B 88 45.92 22.74 -36.34
C GLU B 88 46.04 24.26 -36.31
N GLY B 89 47.19 24.76 -36.77
CA GLY B 89 47.53 26.19 -36.79
C GLY B 89 47.66 26.73 -35.38
N ASP B 90 46.78 27.68 -35.03
CA ASP B 90 46.70 28.30 -33.70
C ASP B 90 45.37 27.89 -33.02
N TYR B 91 45.00 26.61 -33.20
CA TYR B 91 43.77 26.04 -32.66
C TYR B 91 43.93 24.60 -32.19
N ASN B 92 43.25 24.26 -31.09
CA ASN B 92 43.12 22.90 -30.56
C ASN B 92 41.84 22.35 -31.22
N VAL B 93 41.95 21.17 -31.83
CA VAL B 93 40.87 20.56 -32.61
C VAL B 93 40.41 19.21 -32.06
N MET B 94 39.08 19.02 -32.05
CA MET B 94 38.41 17.77 -31.70
C MET B 94 37.41 17.47 -32.81
N VAL B 95 37.51 16.28 -33.40
CA VAL B 95 36.66 15.83 -34.50
C VAL B 95 35.77 14.70 -33.99
N MET B 96 34.46 14.87 -34.13
CA MET B 96 33.41 13.99 -33.66
C MET B 96 32.52 13.61 -34.84
N GLU B 97 31.94 12.39 -34.81
CA GLU B 97 30.98 11.94 -35.83
C GLU B 97 29.78 12.92 -35.83
N LEU B 98 29.21 13.18 -37.01
CA LEU B 98 28.08 14.07 -37.13
C LEU B 98 26.86 13.48 -36.47
N LEU B 99 26.17 14.30 -35.69
CA LEU B 99 24.97 13.92 -34.99
C LEU B 99 23.89 14.88 -35.46
N GLY B 100 22.66 14.66 -35.02
CA GLY B 100 21.54 15.48 -35.44
C GLY B 100 21.25 16.67 -34.56
N PRO B 101 20.01 17.20 -34.69
CA PRO B 101 19.62 18.37 -33.88
C PRO B 101 19.54 18.06 -32.39
N SER B 102 19.63 19.12 -31.57
CA SER B 102 19.47 19.00 -30.14
C SER B 102 17.98 18.85 -29.84
N LEU B 103 17.66 18.35 -28.64
CA LEU B 103 16.29 18.22 -28.18
C LEU B 103 15.65 19.61 -28.06
N GLU B 104 16.45 20.65 -27.77
CA GLU B 104 16.00 22.04 -27.72
C GLU B 104 15.58 22.50 -29.10
N ASP B 105 16.43 22.22 -30.14
CA ASP B 105 16.12 22.55 -31.53
C ASP B 105 14.87 21.80 -31.96
N LEU B 106 14.78 20.48 -31.62
CA LEU B 106 13.62 19.66 -31.98
C LEU B 106 12.33 20.09 -31.27
N PHE B 107 12.45 20.59 -30.02
CA PHE B 107 11.32 21.11 -29.23
C PHE B 107 10.73 22.37 -29.90
N ASN B 108 11.60 23.33 -30.26
CA ASN B 108 11.23 24.56 -30.95
C ASN B 108 10.62 24.29 -32.33
N PHE B 109 11.15 23.28 -33.03
CA PHE B 109 10.67 22.88 -34.35
C PHE B 109 9.28 22.24 -34.23
N CYS B 110 8.96 21.65 -33.08
CA CYS B 110 7.68 21.02 -32.75
C CYS B 110 6.73 21.98 -32.02
N SER B 111 6.98 23.31 -32.14
CA SER B 111 6.16 24.38 -31.53
C SER B 111 6.11 24.31 -29.99
N ARG B 112 7.24 23.90 -29.39
CA ARG B 112 7.41 23.77 -27.94
C ARG B 112 6.32 22.88 -27.28
N LYS B 113 5.97 21.78 -27.96
CA LYS B 113 4.99 20.82 -27.46
C LYS B 113 5.39 19.42 -27.92
N PHE B 114 5.52 18.50 -26.97
CA PHE B 114 5.84 17.10 -27.23
C PHE B 114 4.73 16.25 -26.65
N SER B 115 4.31 15.20 -27.38
CA SER B 115 3.30 14.28 -26.89
C SER B 115 3.90 13.53 -25.68
N LEU B 116 3.05 12.87 -24.90
CA LEU B 116 3.48 12.09 -23.76
C LEU B 116 4.39 10.94 -24.23
N LYS B 117 4.04 10.28 -25.36
CA LYS B 117 4.82 9.19 -25.95
C LYS B 117 6.24 9.65 -26.20
N THR B 118 6.40 10.80 -26.90
CA THR B 118 7.74 11.34 -27.17
C THR B 118 8.52 11.59 -25.87
N VAL B 119 7.91 12.29 -24.88
CA VAL B 119 8.54 12.56 -23.58
C VAL B 119 9.02 11.25 -22.92
N LEU B 120 8.18 10.18 -22.93
CA LEU B 120 8.54 8.89 -22.31
C LEU B 120 9.65 8.16 -23.07
N LEU B 121 9.64 8.21 -24.40
CA LEU B 121 10.68 7.58 -25.21
C LEU B 121 12.02 8.29 -24.91
N LEU B 122 11.99 9.64 -24.79
CA LEU B 122 13.16 10.46 -24.45
C LEU B 122 13.63 10.17 -23.01
N ALA B 123 12.70 10.13 -22.04
CA ALA B 123 13.01 9.84 -20.61
C ALA B 123 13.77 8.52 -20.44
N ASP B 124 13.31 7.45 -21.14
CA ASP B 124 13.93 6.12 -21.02
C ASP B 124 15.41 6.15 -21.37
N GLN B 125 15.72 6.79 -22.49
CA GLN B 125 17.07 6.90 -22.99
C GLN B 125 17.92 7.88 -22.19
N MET B 126 17.35 9.03 -21.79
CA MET B 126 18.05 10.07 -21.04
C MET B 126 18.49 9.60 -19.66
N ILE B 127 17.69 8.74 -19.01
CA ILE B 127 18.03 8.16 -17.71
C ILE B 127 19.27 7.25 -17.92
N SER B 128 19.23 6.40 -18.95
CA SER B 128 20.31 5.48 -19.33
C SER B 128 21.62 6.20 -19.65
N ARG B 129 21.56 7.35 -20.35
CA ARG B 129 22.74 8.15 -20.69
C ARG B 129 23.39 8.68 -19.43
N ILE B 130 22.57 9.21 -18.50
CA ILE B 130 23.03 9.75 -17.21
C ILE B 130 23.66 8.63 -16.37
N GLU B 131 23.01 7.45 -16.33
CA GLU B 131 23.51 6.27 -15.60
C GLU B 131 24.88 5.81 -16.12
N TYR B 132 25.07 5.79 -17.45
CA TYR B 132 26.35 5.40 -18.05
C TYR B 132 27.47 6.36 -17.63
N ILE B 133 27.22 7.68 -17.70
CA ILE B 133 28.18 8.72 -17.30
C ILE B 133 28.56 8.50 -15.83
N HIS B 134 27.56 8.16 -15.00
CA HIS B 134 27.76 7.88 -13.58
C HIS B 134 28.59 6.63 -13.34
N SER B 135 28.33 5.57 -14.14
CA SER B 135 29.09 4.31 -14.10
C SER B 135 30.56 4.53 -14.44
N LYS B 136 30.86 5.65 -15.12
CA LYS B 136 32.21 6.02 -15.52
C LYS B 136 32.82 7.09 -14.60
N ASN B 137 32.27 7.18 -13.36
CA ASN B 137 32.72 8.01 -12.24
C ASN B 137 32.60 9.52 -12.46
N PHE B 138 31.71 9.93 -13.36
CA PHE B 138 31.49 11.35 -13.64
C PHE B 138 30.05 11.75 -13.48
N ILE B 139 29.83 13.03 -13.12
CA ILE B 139 28.52 13.69 -13.09
C ILE B 139 28.57 14.75 -14.21
N HIS B 140 27.45 14.91 -14.93
CA HIS B 140 27.38 15.83 -16.08
C HIS B 140 27.38 17.30 -15.66
N ARG B 141 26.47 17.65 -14.73
CA ARG B 141 26.26 18.97 -14.12
C ARG B 141 25.52 20.01 -14.95
N ASP B 142 25.19 19.68 -16.19
CA ASP B 142 24.45 20.57 -17.08
C ASP B 142 23.44 19.80 -17.92
N VAL B 143 22.60 19.00 -17.25
CA VAL B 143 21.55 18.23 -17.92
C VAL B 143 20.47 19.23 -18.36
N LYS B 144 20.37 19.44 -19.69
CA LYS B 144 19.45 20.39 -20.34
C LYS B 144 19.11 19.88 -21.76
N PRO B 145 18.00 20.33 -22.40
CA PRO B 145 17.68 19.85 -23.77
C PRO B 145 18.77 20.02 -24.85
N ASP B 146 19.54 21.13 -24.76
CA ASP B 146 20.65 21.51 -25.65
C ASP B 146 21.79 20.48 -25.64
N ASN B 147 21.92 19.76 -24.52
CA ASN B 147 22.98 18.77 -24.30
C ASN B 147 22.65 17.32 -24.66
N PHE B 148 21.52 17.13 -25.33
CA PHE B 148 21.10 15.85 -25.84
C PHE B 148 20.83 16.04 -27.33
N LEU B 149 21.46 15.21 -28.18
CA LEU B 149 21.25 15.28 -29.63
C LEU B 149 20.71 13.96 -30.13
N MET B 150 19.83 14.01 -31.14
CA MET B 150 19.39 12.78 -31.79
C MET B 150 20.48 12.41 -32.79
N GLY B 151 20.64 11.13 -33.09
CA GLY B 151 21.59 10.69 -34.11
C GLY B 151 20.95 10.91 -35.48
N LEU B 152 21.71 10.74 -36.55
CA LEU B 152 21.22 10.89 -37.92
C LEU B 152 21.10 9.52 -38.58
N GLY B 153 20.30 9.45 -39.65
CA GLY B 153 20.07 8.25 -40.45
C GLY B 153 19.66 7.04 -39.65
N LYS B 154 20.53 5.99 -39.65
CA LYS B 154 20.30 4.72 -38.94
C LYS B 154 20.29 4.90 -37.42
N LYS B 155 20.94 5.97 -36.93
CA LYS B 155 21.01 6.29 -35.49
C LYS B 155 20.00 7.38 -35.08
N GLY B 156 19.01 7.64 -35.95
CA GLY B 156 17.95 8.63 -35.76
C GLY B 156 17.05 8.41 -34.56
N ASN B 157 16.98 7.15 -34.04
CA ASN B 157 16.18 6.74 -32.88
C ASN B 157 16.97 6.89 -31.58
N LEU B 158 18.29 7.14 -31.67
CA LEU B 158 19.22 7.24 -30.57
C LEU B 158 19.39 8.63 -30.02
N VAL B 159 19.23 8.75 -28.69
CA VAL B 159 19.47 9.97 -27.95
C VAL B 159 20.95 9.94 -27.51
N TYR B 160 21.73 10.97 -27.92
CA TYR B 160 23.13 11.08 -27.55
C TYR B 160 23.31 12.15 -26.47
N ILE B 161 24.26 11.95 -25.55
CA ILE B 161 24.56 12.97 -24.55
C ILE B 161 25.86 13.66 -24.96
N ILE B 162 25.91 14.99 -24.88
CA ILE B 162 27.09 15.78 -25.26
C ILE B 162 27.50 16.76 -24.18
N ASP B 163 28.65 17.43 -24.41
CA ASP B 163 29.25 18.48 -23.60
C ASP B 163 29.63 18.04 -22.20
N PHE B 164 30.94 17.89 -21.98
CA PHE B 164 31.50 17.51 -20.70
C PHE B 164 32.38 18.62 -20.14
N GLY B 165 32.19 19.84 -20.62
CA GLY B 165 32.94 21.02 -20.19
C GLY B 165 32.75 21.35 -18.71
N LEU B 166 31.53 21.11 -18.20
CA LEU B 166 31.14 21.34 -16.80
C LEU B 166 31.17 20.06 -15.96
N ALA B 167 31.50 18.90 -16.57
CA ALA B 167 31.55 17.61 -15.90
C ALA B 167 32.64 17.50 -14.85
N LYS B 168 32.41 16.67 -13.83
CA LYS B 168 33.33 16.46 -12.71
C LYS B 168 33.34 15.01 -12.26
N LYS B 169 34.50 14.51 -11.82
CA LYS B 169 34.63 13.16 -11.25
C LYS B 169 34.00 13.21 -9.85
N TYR B 170 33.04 12.33 -9.54
CA TYR B 170 32.35 12.34 -8.24
C TYR B 170 32.86 11.27 -7.28
N ARG B 171 33.35 10.14 -7.81
CA ARG B 171 33.88 9.04 -7.02
C ARG B 171 35.24 8.65 -7.57
N ASP B 172 36.11 8.15 -6.70
CA ASP B 172 37.44 7.72 -7.07
C ASP B 172 37.32 6.45 -7.90
N ALA B 173 38.08 6.41 -9.03
CA ALA B 173 38.13 5.33 -10.02
C ALA B 173 38.09 3.88 -9.51
N ARG B 174 38.97 3.50 -8.55
CA ARG B 174 39.05 2.13 -8.01
C ARG B 174 38.41 1.91 -6.64
N THR B 175 38.43 2.93 -5.78
CA THR B 175 37.87 2.84 -4.43
C THR B 175 36.36 3.12 -4.39
N HIS B 176 35.88 3.96 -5.33
CA HIS B 176 34.50 4.46 -5.43
C HIS B 176 34.18 5.42 -4.27
N GLN B 177 35.26 5.98 -3.66
CA GLN B 177 35.23 6.95 -2.57
C GLN B 177 34.67 8.25 -3.16
N HIS B 178 33.44 8.57 -2.75
CA HIS B 178 32.67 9.73 -3.20
C HIS B 178 33.36 11.05 -2.81
N ILE B 179 33.18 12.10 -3.63
CA ILE B 179 33.71 13.46 -3.37
C ILE B 179 33.09 14.01 -2.05
N PRO B 180 33.82 14.77 -1.20
CA PRO B 180 33.23 15.25 0.05
C PRO B 180 32.07 16.24 -0.11
N TYR B 181 31.18 16.26 0.89
CA TYR B 181 30.04 17.17 0.96
C TYR B 181 30.56 18.60 1.09
N ARG B 182 30.17 19.47 0.16
CA ARG B 182 30.60 20.87 0.17
C ARG B 182 29.42 21.81 0.00
N GLU B 183 29.50 22.97 0.68
CA GLU B 183 28.51 24.03 0.65
C GLU B 183 29.17 25.31 0.13
N ASN B 184 28.38 26.40 -0.05
CA ASN B 184 28.85 27.70 -0.56
C ASN B 184 29.56 27.55 -1.94
N LYS B 185 28.91 26.84 -2.87
CA LYS B 185 29.42 26.57 -4.22
C LYS B 185 28.68 27.37 -5.29
N ASN B 186 29.41 27.70 -6.38
CA ASN B 186 28.86 28.43 -7.51
C ASN B 186 27.94 27.53 -8.32
N LEU B 187 26.88 28.12 -8.91
CA LEU B 187 25.94 27.39 -9.75
C LEU B 187 26.62 27.01 -11.08
N THR B 188 27.15 25.77 -11.15
CA THR B 188 27.76 25.24 -12.37
C THR B 188 26.65 24.47 -13.11
N GLY B 189 26.17 25.08 -14.18
CA GLY B 189 25.09 24.57 -15.01
C GLY B 189 24.12 25.68 -15.40
N THR B 190 22.92 25.29 -15.85
CA THR B 190 21.86 26.22 -16.27
C THR B 190 20.85 26.37 -15.13
N ALA B 191 20.58 27.63 -14.73
CA ALA B 191 19.67 27.98 -13.63
C ALA B 191 18.25 27.41 -13.81
N ARG B 192 17.75 27.36 -15.06
CA ARG B 192 16.41 26.85 -15.34
C ARG B 192 16.21 25.39 -14.90
N TYR B 193 17.23 24.55 -15.13
CA TYR B 193 17.16 23.11 -14.83
C TYR B 193 17.93 22.68 -13.58
N ALA B 194 18.61 23.63 -12.91
CA ALA B 194 19.39 23.33 -11.71
C ALA B 194 18.51 22.74 -10.57
N SER B 195 19.08 21.77 -9.83
CA SER B 195 18.39 21.16 -8.67
C SER B 195 18.25 22.19 -7.56
N ILE B 196 17.33 21.94 -6.60
CA ILE B 196 17.16 22.80 -5.41
C ILE B 196 18.47 22.86 -4.62
N ASN B 197 19.16 21.69 -4.45
CA ASN B 197 20.46 21.57 -3.77
C ASN B 197 21.53 22.50 -4.43
N THR B 198 21.47 22.65 -5.76
CA THR B 198 22.41 23.50 -6.52
C THR B 198 22.17 24.95 -6.15
N HIS B 199 20.89 25.38 -6.16
CA HIS B 199 20.46 26.73 -5.78
C HIS B 199 20.88 27.09 -4.37
N LEU B 200 20.92 26.07 -3.47
CA LEU B 200 21.36 26.24 -2.08
C LEU B 200 22.89 26.32 -1.93
N GLY B 201 23.61 26.05 -3.03
CA GLY B 201 25.07 26.09 -3.08
C GLY B 201 25.74 24.79 -2.69
N ILE B 202 25.00 23.67 -2.72
CA ILE B 202 25.52 22.35 -2.33
C ILE B 202 26.28 21.73 -3.51
N GLU B 203 27.40 21.02 -3.21
CA GLU B 203 28.19 20.29 -4.21
C GLU B 203 27.26 19.33 -4.97
N GLN B 204 27.32 19.38 -6.30
CA GLN B 204 26.51 18.52 -7.15
C GLN B 204 26.95 17.07 -7.11
N SER B 205 25.98 16.16 -7.18
CA SER B 205 26.23 14.72 -7.20
C SER B 205 25.26 14.05 -8.18
N ARG B 206 25.18 12.69 -8.16
CA ARG B 206 24.35 11.88 -9.06
C ARG B 206 22.87 12.29 -9.07
N ARG B 207 22.31 12.55 -7.87
CA ARG B 207 20.92 12.97 -7.68
C ARG B 207 20.57 14.27 -8.46
N ASP B 208 21.53 15.21 -8.54
CA ASP B 208 21.37 16.51 -9.20
C ASP B 208 21.20 16.41 -10.71
N ASP B 209 21.94 15.48 -11.35
CA ASP B 209 21.82 15.24 -12.80
C ASP B 209 20.41 14.71 -13.08
N LEU B 210 19.94 13.78 -12.25
CA LEU B 210 18.61 13.20 -12.38
C LEU B 210 17.48 14.20 -12.04
N GLU B 211 17.64 15.06 -11.01
CA GLU B 211 16.63 16.06 -10.69
C GLU B 211 16.50 17.08 -11.88
N SER B 212 17.65 17.45 -12.48
CA SER B 212 17.67 18.34 -13.66
C SER B 212 16.89 17.71 -14.81
N LEU B 213 17.06 16.39 -15.00
CA LEU B 213 16.33 15.63 -16.02
C LEU B 213 14.83 15.71 -15.76
N GLY B 214 14.43 15.59 -14.49
CA GLY B 214 13.04 15.72 -14.08
C GLY B 214 12.42 17.04 -14.52
N TYR B 215 13.15 18.17 -14.34
CA TYR B 215 12.69 19.51 -14.78
C TYR B 215 12.65 19.61 -16.29
N VAL B 216 13.60 18.95 -16.99
CA VAL B 216 13.66 18.96 -18.47
C VAL B 216 12.41 18.22 -19.02
N LEU B 217 12.04 17.07 -18.40
CA LEU B 217 10.86 16.28 -18.80
C LEU B 217 9.56 17.09 -18.60
N MET B 218 9.49 17.86 -17.50
CA MET B 218 8.32 18.72 -17.22
C MET B 218 8.25 19.92 -18.14
N TYR B 219 9.44 20.45 -18.51
CA TYR B 219 9.61 21.52 -19.48
C TYR B 219 9.05 21.07 -20.83
N PHE B 220 9.34 19.80 -21.24
CA PHE B 220 8.83 19.20 -22.48
C PHE B 220 7.30 19.03 -22.40
N ASN B 221 6.76 18.71 -21.19
CA ASN B 221 5.33 18.55 -21.00
C ASN B 221 4.58 19.88 -21.05
N LEU B 222 5.11 20.93 -20.40
CA LEU B 222 4.44 22.24 -20.26
C LEU B 222 4.70 23.23 -21.38
N GLY B 223 5.86 23.13 -22.01
CA GLY B 223 6.30 24.07 -23.04
C GLY B 223 7.21 25.13 -22.44
N SER B 224 7.17 25.23 -21.11
CA SER B 224 7.93 26.17 -20.31
C SER B 224 7.91 25.72 -18.84
N LEU B 225 8.76 26.32 -18.00
CA LEU B 225 8.76 26.03 -16.57
C LEU B 225 8.27 27.31 -15.85
N PRO B 226 7.58 27.20 -14.69
CA PRO B 226 7.06 28.41 -14.03
C PRO B 226 8.10 29.44 -13.57
N TRP B 227 9.40 29.06 -13.53
CA TRP B 227 10.51 29.94 -13.11
C TRP B 227 11.32 30.45 -14.31
N GLN B 228 10.79 30.22 -15.53
CA GLN B 228 11.39 30.65 -16.79
C GLN B 228 10.90 32.06 -17.12
N GLY B 229 11.78 32.86 -17.70
CA GLY B 229 11.51 34.22 -18.14
C GLY B 229 11.15 35.16 -17.02
N LEU B 230 11.94 35.09 -15.93
CA LEU B 230 11.76 35.92 -14.74
C LEU B 230 12.56 37.22 -14.89
N LYS B 231 11.90 38.36 -14.69
CA LYS B 231 12.52 39.68 -14.79
C LYS B 231 13.41 40.01 -13.60
N ALA B 232 14.67 40.44 -13.89
CA ALA B 232 15.70 40.81 -12.90
C ALA B 232 16.77 41.71 -13.52
N ALA B 233 17.46 42.50 -12.65
CA ALA B 233 18.53 43.43 -13.04
C ALA B 233 19.87 42.75 -13.36
N THR B 234 20.34 41.84 -12.48
CA THR B 234 21.62 41.11 -12.63
C THR B 234 21.34 39.59 -12.78
N LYS B 235 22.37 38.80 -13.17
CA LYS B 235 22.22 37.35 -13.32
C LYS B 235 22.05 36.64 -11.96
N ARG B 236 22.67 37.17 -10.88
CA ARG B 236 22.55 36.64 -9.52
C ARG B 236 21.13 36.91 -8.99
N GLN B 237 20.54 38.06 -9.38
CA GLN B 237 19.15 38.41 -9.04
C GLN B 237 18.19 37.45 -9.74
N LYS B 238 18.49 37.06 -11.02
CA LYS B 238 17.67 36.11 -11.78
C LYS B 238 17.74 34.71 -11.14
N TYR B 239 18.97 34.26 -10.80
CA TYR B 239 19.26 32.98 -10.16
C TYR B 239 18.53 32.87 -8.82
N GLU B 240 18.58 33.94 -8.03
CA GLU B 240 17.91 33.96 -6.75
C GLU B 240 16.40 34.03 -6.90
N ARG B 241 15.87 34.65 -7.99
CA ARG B 241 14.43 34.69 -8.27
C ARG B 241 13.92 33.31 -8.72
N ILE B 242 14.74 32.59 -9.50
CA ILE B 242 14.45 31.21 -9.96
C ILE B 242 14.45 30.27 -8.72
N SER B 243 15.49 30.38 -7.88
CA SER B 243 15.63 29.60 -6.64
C SER B 243 14.37 29.70 -5.78
N GLU B 244 13.91 30.94 -5.49
CA GLU B 244 12.72 31.16 -4.65
C GLU B 244 11.46 30.60 -5.31
N LYS B 245 11.29 30.81 -6.63
CA LYS B 245 10.14 30.28 -7.39
C LYS B 245 10.10 28.75 -7.36
N LYS B 246 11.24 28.09 -7.61
CA LYS B 246 11.37 26.63 -7.60
C LYS B 246 11.01 26.06 -6.20
N MET B 247 11.51 26.72 -5.12
CA MET B 247 11.28 26.30 -3.74
C MET B 247 9.84 26.58 -3.25
N SER B 248 9.15 27.57 -3.85
CA SER B 248 7.77 27.90 -3.51
C SER B 248 6.75 27.20 -4.44
N THR B 249 7.22 26.41 -5.42
CA THR B 249 6.35 25.67 -6.34
C THR B 249 6.32 24.19 -5.97
N PRO B 250 5.28 23.70 -5.24
CA PRO B 250 5.22 22.27 -4.90
C PRO B 250 5.26 21.37 -6.14
N ILE B 251 5.99 20.24 -6.07
CA ILE B 251 6.12 19.26 -7.16
C ILE B 251 4.72 18.89 -7.73
N GLU B 252 3.71 18.76 -6.83
CA GLU B 252 2.34 18.47 -7.24
C GLU B 252 1.65 19.60 -8.04
N VAL B 253 2.06 20.87 -7.83
CA VAL B 253 1.51 22.02 -8.58
C VAL B 253 2.20 22.05 -9.97
N LEU B 254 3.54 21.84 -9.97
CA LEU B 254 4.37 21.80 -11.16
C LEU B 254 3.85 20.72 -12.12
N CYS B 255 3.55 19.54 -11.59
CA CYS B 255 3.11 18.38 -12.34
C CYS B 255 1.62 18.19 -12.51
N LYS B 256 0.80 19.13 -11.99
CA LYS B 256 -0.67 19.08 -12.07
C LYS B 256 -1.15 18.88 -13.53
N GLY B 257 -2.07 17.94 -13.71
CA GLY B 257 -2.64 17.62 -15.00
C GLY B 257 -1.81 16.65 -15.83
N TYR B 258 -0.66 16.21 -15.30
CA TYR B 258 0.24 15.28 -16.00
C TYR B 258 0.33 13.98 -15.23
N PRO B 259 0.70 12.82 -15.84
CA PRO B 259 0.78 11.58 -15.07
C PRO B 259 1.65 11.72 -13.81
N SER B 260 1.19 11.08 -12.70
CA SER B 260 1.83 11.09 -11.38
C SER B 260 3.32 10.73 -11.38
N GLU B 261 3.75 9.88 -12.35
CA GLU B 261 5.14 9.41 -12.50
C GLU B 261 6.15 10.55 -12.56
N PHE B 262 5.79 11.70 -13.19
CA PHE B 262 6.66 12.87 -13.28
C PHE B 262 6.92 13.47 -11.89
N ALA B 263 5.87 13.50 -11.02
CA ALA B 263 5.97 13.97 -9.65
C ALA B 263 6.75 12.96 -8.78
N THR B 264 6.41 11.64 -8.91
CA THR B 264 7.08 10.53 -8.20
C THR B 264 8.59 10.56 -8.52
N TYR B 265 8.94 10.79 -9.81
CA TYR B 265 10.32 10.90 -10.28
C TYR B 265 11.01 12.05 -9.52
N LEU B 266 10.42 13.27 -9.56
CA LEU B 266 11.04 14.42 -8.91
C LEU B 266 11.15 14.28 -7.38
N ASN B 267 10.14 13.66 -6.75
CA ASN B 267 10.14 13.40 -5.32
C ASN B 267 11.25 12.42 -4.95
N PHE B 268 11.44 11.35 -5.75
CA PHE B 268 12.51 10.36 -5.55
C PHE B 268 13.89 11.04 -5.61
N CYS B 269 14.10 11.92 -6.61
CA CYS B 269 15.34 12.67 -6.82
C CYS B 269 15.65 13.62 -5.66
N ARG B 270 14.61 14.31 -5.15
CA ARG B 270 14.69 15.24 -4.04
C ARG B 270 14.90 14.50 -2.71
N SER B 271 14.62 13.18 -2.66
CA SER B 271 14.77 12.36 -1.45
C SER B 271 16.14 11.67 -1.36
N LEU B 272 16.87 11.60 -2.50
CA LEU B 272 18.20 10.97 -2.53
C LEU B 272 19.21 11.72 -1.68
N ARG B 273 20.06 10.98 -0.97
CA ARG B 273 21.12 11.58 -0.16
C ARG B 273 22.28 11.97 -1.10
N PHE B 274 23.19 12.82 -0.61
CA PHE B 274 24.34 13.31 -1.34
C PHE B 274 25.17 12.19 -2.01
N ASP B 275 25.57 11.17 -1.25
CA ASP B 275 26.41 10.10 -1.83
C ASP B 275 25.64 8.88 -2.34
N ASP B 276 24.29 8.94 -2.31
CA ASP B 276 23.41 7.87 -2.73
C ASP B 276 23.55 7.48 -4.18
N LYS B 277 23.55 6.15 -4.42
CA LYS B 277 23.54 5.61 -5.76
C LYS B 277 22.04 5.57 -6.14
N PRO B 278 21.60 6.36 -7.15
CA PRO B 278 20.18 6.36 -7.52
C PRO B 278 19.70 5.03 -8.08
N ASP B 279 18.42 4.70 -7.86
CA ASP B 279 17.89 3.45 -8.41
C ASP B 279 17.39 3.78 -9.83
N TYR B 280 18.32 3.78 -10.81
CA TYR B 280 18.05 4.09 -12.23
C TYR B 280 17.02 3.18 -12.84
N SER B 281 17.09 1.88 -12.50
CA SER B 281 16.16 0.86 -12.93
C SER B 281 14.73 1.20 -12.48
N TYR B 282 14.56 1.63 -11.22
CA TYR B 282 13.26 2.02 -10.70
C TYR B 282 12.66 3.21 -11.50
N LEU B 283 13.49 4.25 -11.76
CA LEU B 283 13.12 5.46 -12.50
C LEU B 283 12.68 5.16 -13.93
N ARG B 284 13.41 4.23 -14.62
CA ARG B 284 13.05 3.83 -16.00
C ARG B 284 11.75 3.03 -15.99
N GLN B 285 11.62 2.11 -15.01
CA GLN B 285 10.44 1.26 -14.80
C GLN B 285 9.20 2.09 -14.52
N LEU B 286 9.36 3.23 -13.80
CA LEU B 286 8.27 4.15 -13.44
C LEU B 286 7.63 4.64 -14.77
N PHE B 287 8.46 5.18 -15.68
CA PHE B 287 8.01 5.67 -16.97
C PHE B 287 7.61 4.56 -17.95
N ARG B 288 8.29 3.38 -17.86
CA ARG B 288 8.00 2.22 -18.71
C ARG B 288 6.61 1.65 -18.39
N ASN B 289 6.24 1.57 -17.10
CA ASN B 289 4.92 1.08 -16.68
C ASN B 289 3.81 2.01 -17.17
N LEU B 290 4.07 3.34 -17.10
CA LEU B 290 3.14 4.36 -17.60
C LEU B 290 3.00 4.26 -19.15
N PHE B 291 4.14 4.02 -19.87
CA PHE B 291 4.20 3.83 -21.32
C PHE B 291 3.28 2.67 -21.73
N HIS B 292 3.36 1.53 -21.00
CA HIS B 292 2.54 0.35 -21.25
C HIS B 292 1.05 0.58 -20.93
N ARG B 293 0.74 1.32 -19.84
CA ARG B 293 -0.63 1.67 -19.42
C ARG B 293 -1.29 2.56 -20.47
N GLN B 294 -0.49 3.44 -21.10
CA GLN B 294 -0.95 4.34 -22.16
C GLN B 294 -1.16 3.60 -23.50
N GLY B 295 -0.62 2.37 -23.60
CA GLY B 295 -0.74 1.54 -24.79
C GLY B 295 0.18 1.93 -25.93
N PHE B 296 1.24 2.71 -25.63
CA PHE B 296 2.21 3.15 -26.64
C PHE B 296 3.12 2.00 -27.03
N SER B 297 3.62 2.01 -28.28
CA SER B 297 4.56 1.00 -28.76
C SER B 297 5.96 1.62 -28.84
N TYR B 298 6.99 0.88 -28.35
CA TYR B 298 8.41 1.30 -28.36
C TYR B 298 8.95 1.12 -29.82
N ASP B 299 8.42 1.95 -30.77
CA ASP B 299 8.70 1.93 -32.23
C ASP B 299 9.59 3.07 -32.72
N TYR B 300 9.97 3.96 -31.79
CA TYR B 300 10.85 5.11 -32.00
C TYR B 300 10.31 6.13 -33.00
N VAL B 301 8.98 6.26 -33.06
CA VAL B 301 8.31 7.26 -33.88
C VAL B 301 8.06 8.45 -32.97
N PHE B 302 8.95 9.46 -33.04
CA PHE B 302 8.87 10.68 -32.22
C PHE B 302 7.97 11.70 -32.92
N ASP B 303 7.54 12.77 -32.21
CA ASP B 303 6.70 13.82 -32.82
C ASP B 303 7.28 14.42 -34.10
N TRP B 304 8.60 14.69 -34.11
CA TRP B 304 9.26 15.28 -35.29
C TRP B 304 9.27 14.38 -36.51
N ASN B 305 9.19 13.03 -36.32
CA ASN B 305 9.11 12.07 -37.42
C ASN B 305 7.78 12.16 -38.20
N MET B 306 6.77 12.85 -37.61
CA MET B 306 5.43 13.04 -38.17
C MET B 306 5.29 14.33 -38.99
N LEU B 307 6.31 15.21 -38.91
CA LEU B 307 6.35 16.50 -39.60
C LEU B 307 6.81 16.35 -41.04
N ASN C 21 -28.18 13.32 -40.03
CA ASN C 21 -27.62 14.17 -41.09
C ASN C 21 -26.31 13.66 -41.76
N ARG C 22 -25.43 12.95 -41.01
CA ARG C 22 -24.15 12.50 -41.55
C ARG C 22 -23.87 11.01 -41.41
N TYR C 23 -24.70 10.29 -40.68
CA TYR C 23 -24.48 8.86 -40.48
C TYR C 23 -25.42 8.00 -41.31
N ARG C 24 -24.86 6.89 -41.82
CA ARG C 24 -25.59 5.90 -42.61
C ARG C 24 -25.67 4.63 -41.76
N LEU C 25 -26.90 4.21 -41.41
CA LEU C 25 -27.09 3.03 -40.57
C LEU C 25 -26.88 1.75 -41.38
N GLY C 26 -26.08 0.85 -40.80
CA GLY C 26 -25.76 -0.44 -41.39
C GLY C 26 -26.50 -1.58 -40.71
N ARG C 27 -25.97 -2.80 -40.88
CA ARG C 27 -26.54 -4.03 -40.35
C ARG C 27 -26.30 -4.23 -38.86
N LYS C 28 -27.25 -4.90 -38.20
CA LYS C 28 -27.24 -5.29 -36.79
C LYS C 28 -26.12 -6.29 -36.54
N ILE C 29 -25.23 -5.96 -35.60
CA ILE C 29 -24.12 -6.85 -35.27
C ILE C 29 -24.33 -7.62 -33.95
N GLY C 30 -25.25 -7.12 -33.11
CA GLY C 30 -25.57 -7.73 -31.83
C GLY C 30 -26.35 -6.83 -30.87
N SER C 31 -26.10 -7.01 -29.57
CA SER C 31 -26.77 -6.26 -28.51
C SER C 31 -25.87 -5.93 -27.32
N GLY C 32 -26.24 -4.86 -26.65
CA GLY C 32 -25.63 -4.41 -25.40
C GLY C 32 -26.60 -4.74 -24.28
N SER C 33 -26.34 -4.22 -23.09
CA SER C 33 -27.21 -4.42 -21.93
C SER C 33 -28.65 -3.84 -22.08
N PHE C 34 -28.83 -2.70 -22.83
CA PHE C 34 -30.13 -2.04 -23.01
C PHE C 34 -30.38 -1.45 -24.43
N GLY C 35 -29.69 -1.98 -25.43
CA GLY C 35 -29.85 -1.54 -26.82
C GLY C 35 -29.22 -2.47 -27.82
N ASP C 36 -29.66 -2.38 -29.08
CA ASP C 36 -29.14 -3.16 -30.21
C ASP C 36 -27.98 -2.41 -30.85
N ILE C 37 -26.92 -3.15 -31.19
CA ILE C 37 -25.72 -2.58 -31.78
C ILE C 37 -25.68 -2.87 -33.27
N TYR C 38 -25.41 -1.81 -34.03
CA TYR C 38 -25.36 -1.80 -35.48
C TYR C 38 -24.04 -1.24 -35.94
N LEU C 39 -23.65 -1.64 -37.13
CA LEU C 39 -22.51 -1.08 -37.81
C LEU C 39 -23.03 0.18 -38.55
N GLY C 40 -22.15 1.12 -38.84
CA GLY C 40 -22.56 2.36 -39.51
C GLY C 40 -21.42 3.12 -40.14
N THR C 41 -21.72 4.16 -40.93
CA THR C 41 -20.69 4.96 -41.59
C THR C 41 -20.89 6.45 -41.33
N ASP C 42 -19.81 7.13 -40.93
CA ASP C 42 -19.81 8.59 -40.82
C ASP C 42 -19.48 9.03 -42.24
N ILE C 43 -20.49 9.44 -43.01
CA ILE C 43 -20.39 9.89 -44.41
C ILE C 43 -19.49 11.13 -44.55
N ALA C 44 -19.59 12.09 -43.61
CA ALA C 44 -18.82 13.34 -43.64
C ALA C 44 -17.31 13.17 -43.42
N ALA C 45 -16.94 12.36 -42.42
CA ALA C 45 -15.53 12.10 -42.09
C ALA C 45 -14.92 10.92 -42.86
N GLY C 46 -15.78 10.09 -43.49
CA GLY C 46 -15.33 8.91 -44.23
C GLY C 46 -14.76 7.88 -43.28
N GLU C 47 -15.56 7.55 -42.24
CA GLU C 47 -15.11 6.60 -41.22
C GLU C 47 -16.23 5.68 -40.75
N GLU C 48 -15.94 4.36 -40.68
CA GLU C 48 -16.90 3.37 -40.18
C GLU C 48 -17.06 3.64 -38.70
N VAL C 49 -18.28 3.54 -38.20
CA VAL C 49 -18.63 3.72 -36.77
C VAL C 49 -19.52 2.56 -36.28
N ALA C 50 -19.79 2.50 -34.96
CA ALA C 50 -20.71 1.56 -34.32
C ALA C 50 -21.84 2.40 -33.71
N ILE C 51 -23.09 1.93 -33.86
CA ILE C 51 -24.28 2.66 -33.41
C ILE C 51 -25.15 1.83 -32.48
N LYS C 52 -25.57 2.43 -31.33
CA LYS C 52 -26.45 1.80 -30.35
C LYS C 52 -27.82 2.51 -30.43
N LEU C 53 -28.89 1.71 -30.64
CA LEU C 53 -30.29 2.14 -30.71
C LEU C 53 -31.02 1.70 -29.44
N GLU C 54 -31.96 2.50 -28.92
CA GLU C 54 -32.60 2.07 -27.69
C GLU C 54 -34.14 1.84 -27.73
N CYS C 55 -34.89 2.77 -28.35
CA CYS C 55 -36.36 2.88 -28.47
C CYS C 55 -36.77 4.10 -27.62
N VAL C 56 -37.20 5.19 -28.28
CA VAL C 56 -37.59 6.44 -27.60
C VAL C 56 -38.63 6.22 -26.47
N LYS C 57 -39.63 5.38 -26.74
CA LYS C 57 -40.75 5.07 -25.86
C LYS C 57 -40.52 3.98 -24.83
N THR C 58 -39.27 3.46 -24.70
CA THR C 58 -38.94 2.45 -23.69
C THR C 58 -39.34 2.87 -22.30
N LYS C 59 -39.76 1.90 -21.47
CA LYS C 59 -40.22 2.13 -20.10
C LYS C 59 -39.16 2.79 -19.21
N HIS C 60 -37.92 2.28 -19.28
CA HIS C 60 -36.79 2.75 -18.48
C HIS C 60 -35.68 3.29 -19.41
N PRO C 61 -35.79 4.53 -19.96
CA PRO C 61 -34.71 5.03 -20.86
C PRO C 61 -33.38 5.16 -20.14
N GLN C 62 -32.30 4.79 -20.82
CA GLN C 62 -30.95 4.81 -20.23
C GLN C 62 -29.80 5.11 -21.19
N LEU C 63 -30.07 5.18 -22.52
CA LEU C 63 -28.99 5.48 -23.49
C LEU C 63 -28.30 6.82 -23.20
N HIS C 64 -29.08 7.85 -22.87
CA HIS C 64 -28.55 9.17 -22.56
C HIS C 64 -27.81 9.15 -21.20
N ILE C 65 -28.26 8.28 -20.24
CA ILE C 65 -27.55 8.12 -18.97
C ILE C 65 -26.16 7.54 -19.26
N GLU C 66 -26.11 6.49 -20.13
CA GLU C 66 -24.89 5.81 -20.55
C GLU C 66 -23.95 6.77 -21.29
N SER C 67 -24.50 7.61 -22.21
CA SER C 67 -23.71 8.59 -22.98
C SER C 67 -23.00 9.53 -22.01
N LYS C 68 -23.73 10.04 -21.00
CA LYS C 68 -23.18 10.86 -19.90
C LYS C 68 -21.97 10.13 -19.24
N ILE C 69 -22.12 8.82 -18.90
CA ILE C 69 -21.03 8.05 -18.25
C ILE C 69 -19.83 8.02 -19.19
N TYR C 70 -20.05 7.69 -20.48
CA TYR C 70 -18.99 7.67 -21.48
C TYR C 70 -18.31 9.05 -21.58
N LYS C 71 -19.11 10.15 -21.61
CA LYS C 71 -18.63 11.55 -21.67
C LYS C 71 -17.72 11.88 -20.49
N MET C 72 -18.13 11.48 -19.28
CA MET C 72 -17.37 11.68 -18.05
C MET C 72 -16.07 10.85 -18.05
N MET C 73 -16.09 9.66 -18.70
CA MET C 73 -14.95 8.72 -18.83
C MET C 73 -13.94 9.12 -19.95
N GLN C 74 -14.32 10.08 -20.86
CA GLN C 74 -13.46 10.50 -21.98
C GLN C 74 -12.07 10.97 -21.51
N GLY C 75 -11.04 10.68 -22.29
CA GLY C 75 -9.68 11.06 -21.93
C GLY C 75 -8.89 9.92 -21.32
N GLY C 76 -9.60 8.96 -20.72
CA GLY C 76 -9.02 7.77 -20.14
C GLY C 76 -8.61 6.79 -21.22
N VAL C 77 -7.49 6.07 -20.99
CA VAL C 77 -6.95 5.08 -21.93
C VAL C 77 -7.97 3.94 -22.10
N GLY C 78 -8.26 3.55 -23.34
CA GLY C 78 -9.18 2.44 -23.59
C GLY C 78 -10.63 2.71 -23.27
N ILE C 79 -10.99 3.99 -23.29
CA ILE C 79 -12.36 4.43 -23.10
C ILE C 79 -12.80 4.86 -24.51
N PRO C 80 -13.84 4.23 -25.06
CA PRO C 80 -14.28 4.57 -26.41
C PRO C 80 -14.82 6.00 -26.54
N THR C 81 -14.49 6.66 -27.66
CA THR C 81 -14.94 8.00 -28.05
C THR C 81 -16.37 7.93 -28.57
N ILE C 82 -17.20 8.82 -28.00
CA ILE C 82 -18.60 9.00 -28.35
C ILE C 82 -18.66 10.17 -29.37
N ARG C 83 -19.05 9.87 -30.61
CA ARG C 83 -19.09 10.84 -31.71
C ARG C 83 -20.34 11.72 -31.85
N TRP C 84 -21.53 11.14 -31.56
CA TRP C 84 -22.84 11.80 -31.64
C TRP C 84 -23.86 11.09 -30.78
N CYS C 85 -24.84 11.89 -30.27
CA CYS C 85 -25.95 11.49 -29.43
C CYS C 85 -27.18 12.27 -29.88
N GLY C 86 -28.27 11.56 -30.13
CA GLY C 86 -29.53 12.16 -30.55
C GLY C 86 -30.69 11.19 -30.63
N ALA C 87 -31.75 11.61 -31.29
CA ALA C 87 -32.93 10.77 -31.47
C ALA C 87 -33.41 10.88 -32.92
N GLU C 88 -33.67 9.73 -33.55
CA GLU C 88 -34.10 9.63 -34.94
C GLU C 88 -35.29 8.68 -34.97
N GLY C 89 -36.44 9.17 -35.42
CA GLY C 89 -37.68 8.40 -35.51
C GLY C 89 -38.08 7.69 -34.23
N ASP C 90 -38.12 6.34 -34.28
CA ASP C 90 -38.49 5.50 -33.14
C ASP C 90 -37.36 5.29 -32.14
N TYR C 91 -36.13 5.77 -32.42
CA TYR C 91 -34.99 5.45 -31.56
C TYR C 91 -34.15 6.61 -31.06
N ASN C 92 -33.51 6.37 -29.89
CA ASN C 92 -32.47 7.21 -29.32
C ASN C 92 -31.19 6.60 -29.88
N VAL C 93 -30.28 7.44 -30.33
CA VAL C 93 -29.08 7.02 -31.06
C VAL C 93 -27.82 7.47 -30.38
N MET C 94 -26.88 6.53 -30.23
CA MET C 94 -25.55 6.82 -29.75
C MET C 94 -24.55 6.31 -30.79
N VAL C 95 -23.60 7.17 -31.19
CA VAL C 95 -22.58 6.75 -32.16
C VAL C 95 -21.20 6.75 -31.55
N MET C 96 -20.51 5.63 -31.71
CA MET C 96 -19.21 5.39 -31.14
C MET C 96 -18.18 5.12 -32.25
N GLU C 97 -16.88 5.42 -32.00
CA GLU C 97 -15.81 5.07 -32.95
C GLU C 97 -15.83 3.55 -33.12
N LEU C 98 -15.55 3.06 -34.32
CA LEU C 98 -15.54 1.62 -34.54
C LEU C 98 -14.36 0.95 -33.82
N LEU C 99 -14.67 -0.05 -32.99
CA LEU C 99 -13.67 -0.83 -32.28
C LEU C 99 -13.65 -2.24 -32.86
N GLY C 100 -12.69 -3.06 -32.43
CA GLY C 100 -12.57 -4.42 -32.95
C GLY C 100 -13.41 -5.44 -32.24
N PRO C 101 -13.07 -6.71 -32.45
CA PRO C 101 -13.81 -7.81 -31.81
C PRO C 101 -13.68 -7.81 -30.29
N SER C 102 -14.64 -8.46 -29.63
CA SER C 102 -14.62 -8.63 -28.18
C SER C 102 -13.63 -9.73 -27.84
N LEU C 103 -13.19 -9.75 -26.58
CA LEU C 103 -12.29 -10.79 -26.09
C LEU C 103 -12.96 -12.15 -26.17
N GLU C 104 -14.31 -12.21 -26.03
CA GLU C 104 -15.09 -13.44 -26.18
C GLU C 104 -15.03 -13.91 -27.63
N ASP C 105 -15.23 -13.00 -28.61
CA ASP C 105 -15.12 -13.31 -30.04
C ASP C 105 -13.70 -13.78 -30.35
N LEU C 106 -12.67 -13.08 -29.82
CA LEU C 106 -11.26 -13.44 -30.04
C LEU C 106 -10.87 -14.79 -29.39
N PHE C 107 -11.47 -15.10 -28.24
CA PHE C 107 -11.26 -16.38 -27.53
C PHE C 107 -11.78 -17.55 -28.38
N ASN C 108 -13.03 -17.42 -28.91
CA ASN C 108 -13.67 -18.43 -29.76
C ASN C 108 -12.91 -18.61 -31.06
N PHE C 109 -12.39 -17.49 -31.63
CA PHE C 109 -11.60 -17.50 -32.87
C PHE C 109 -10.26 -18.22 -32.64
N CYS C 110 -9.74 -18.20 -31.38
CA CYS C 110 -8.49 -18.83 -30.97
C CYS C 110 -8.74 -20.24 -30.40
N SER C 111 -9.91 -20.85 -30.72
CA SER C 111 -10.29 -22.22 -30.26
C SER C 111 -10.40 -22.35 -28.72
N ARG C 112 -10.86 -21.26 -28.07
CA ARG C 112 -11.04 -21.19 -26.61
C ARG C 112 -9.76 -21.56 -25.81
N LYS C 113 -8.61 -21.11 -26.35
CA LYS C 113 -7.31 -21.30 -25.73
C LYS C 113 -6.42 -20.10 -25.96
N PHE C 114 -5.90 -19.52 -24.89
CA PHE C 114 -4.99 -18.39 -24.94
C PHE C 114 -3.69 -18.79 -24.24
N SER C 115 -2.55 -18.37 -24.81
CA SER C 115 -1.25 -18.61 -24.19
C SER C 115 -1.19 -17.80 -22.88
N LEU C 116 -0.26 -18.16 -22.00
CA LEU C 116 -0.06 -17.46 -20.75
C LEU C 116 0.32 -16.00 -21.00
N LYS C 117 1.18 -15.75 -22.03
CA LYS C 117 1.61 -14.43 -22.42
C LYS C 117 0.39 -13.56 -22.76
N THR C 118 -0.57 -14.10 -23.58
CA THR C 118 -1.80 -13.41 -23.97
C THR C 118 -2.62 -13.04 -22.74
N VAL C 119 -2.87 -14.04 -21.85
CA VAL C 119 -3.63 -13.84 -20.60
C VAL C 119 -3.00 -12.72 -19.75
N LEU C 120 -1.67 -12.70 -19.61
CA LEU C 120 -0.97 -11.68 -18.82
C LEU C 120 -1.01 -10.29 -19.44
N LEU C 121 -0.86 -10.21 -20.77
CA LEU C 121 -0.94 -8.92 -21.47
C LEU C 121 -2.35 -8.34 -21.31
N LEU C 122 -3.39 -9.22 -21.38
CA LEU C 122 -4.79 -8.85 -21.19
C LEU C 122 -5.06 -8.41 -19.75
N ALA C 123 -4.59 -9.19 -18.76
CA ALA C 123 -4.73 -8.88 -17.33
C ALA C 123 -4.20 -7.49 -16.98
N ASP C 124 -2.98 -7.14 -17.49
CA ASP C 124 -2.35 -5.84 -17.20
C ASP C 124 -3.24 -4.67 -17.56
N GLN C 125 -3.78 -4.72 -18.78
CA GLN C 125 -4.64 -3.68 -19.30
C GLN C 125 -6.02 -3.67 -18.65
N MET C 126 -6.62 -4.85 -18.47
CA MET C 126 -7.96 -4.99 -17.88
C MET C 126 -8.04 -4.47 -16.42
N ILE C 127 -6.95 -4.63 -15.65
CA ILE C 127 -6.89 -4.13 -14.29
C ILE C 127 -6.91 -2.59 -14.37
N SER C 128 -6.10 -2.02 -15.26
CA SER C 128 -6.00 -0.57 -15.52
C SER C 128 -7.33 0.07 -15.94
N ARG C 129 -8.09 -0.64 -16.81
CA ARG C 129 -9.40 -0.18 -17.28
C ARG C 129 -10.37 -0.09 -16.10
N ILE C 130 -10.40 -1.14 -15.26
CA ILE C 130 -11.26 -1.22 -14.07
C ILE C 130 -10.88 -0.10 -13.08
N GLU C 131 -9.56 0.12 -12.87
CA GLU C 131 -9.05 1.18 -11.99
C GLU C 131 -9.47 2.58 -12.45
N TYR C 132 -9.41 2.85 -13.76
CA TYR C 132 -9.84 4.15 -14.30
C TYR C 132 -11.32 4.41 -14.02
N ILE C 133 -12.19 3.41 -14.29
CA ILE C 133 -13.64 3.48 -14.03
C ILE C 133 -13.88 3.78 -12.53
N HIS C 134 -13.16 3.06 -11.63
CA HIS C 134 -13.24 3.28 -10.19
C HIS C 134 -12.75 4.72 -9.80
N SER C 135 -11.68 5.24 -10.45
CA SER C 135 -11.15 6.61 -10.22
C SER C 135 -12.21 7.68 -10.60
N LYS C 136 -13.18 7.29 -11.44
CA LYS C 136 -14.24 8.17 -11.91
C LYS C 136 -15.56 7.94 -11.14
N ASN C 137 -15.43 7.35 -9.93
CA ASN C 137 -16.52 7.12 -8.96
C ASN C 137 -17.60 6.13 -9.42
N PHE C 138 -17.27 5.24 -10.35
CA PHE C 138 -18.19 4.26 -10.86
C PHE C 138 -17.63 2.84 -10.74
N ILE C 139 -18.54 1.87 -10.58
CA ILE C 139 -18.24 0.45 -10.65
C ILE C 139 -18.95 -0.08 -11.90
N HIS C 140 -18.32 -0.99 -12.62
CA HIS C 140 -18.83 -1.50 -13.90
C HIS C 140 -20.03 -2.44 -13.72
N ARG C 141 -19.85 -3.45 -12.86
CA ARG C 141 -20.83 -4.46 -12.44
C ARG C 141 -21.08 -5.62 -13.42
N ASP C 142 -20.46 -5.56 -14.60
CA ASP C 142 -20.58 -6.63 -15.60
C ASP C 142 -19.25 -6.90 -16.31
N VAL C 143 -18.20 -7.11 -15.53
CA VAL C 143 -16.87 -7.42 -16.04
C VAL C 143 -16.94 -8.86 -16.61
N LYS C 144 -16.88 -8.96 -17.95
CA LYS C 144 -16.94 -10.23 -18.71
C LYS C 144 -16.17 -10.08 -20.04
N PRO C 145 -15.72 -11.19 -20.72
CA PRO C 145 -14.98 -11.05 -22.00
C PRO C 145 -15.66 -10.21 -23.09
N ASP C 146 -17.01 -10.29 -23.19
CA ASP C 146 -17.87 -9.59 -24.16
C ASP C 146 -17.79 -8.05 -24.01
N ASN C 147 -17.45 -7.58 -22.80
CA ASN C 147 -17.37 -6.16 -22.46
C ASN C 147 -16.00 -5.52 -22.57
N PHE C 148 -15.06 -6.26 -23.18
CA PHE C 148 -13.74 -5.76 -23.50
C PHE C 148 -13.52 -5.95 -24.99
N LEU C 149 -13.18 -4.88 -25.71
CA LEU C 149 -12.96 -4.98 -27.16
C LEU C 149 -11.55 -4.52 -27.47
N MET C 150 -10.92 -5.15 -28.47
CA MET C 150 -9.60 -4.68 -28.91
C MET C 150 -9.89 -3.54 -29.87
N GLY C 151 -8.96 -2.59 -29.95
CA GLY C 151 -9.10 -1.51 -30.93
C GLY C 151 -8.77 -2.04 -32.30
N LEU C 152 -8.93 -1.20 -33.31
CA LEU C 152 -8.60 -1.54 -34.69
C LEU C 152 -7.42 -0.67 -35.17
N GLY C 153 -6.76 -1.11 -36.23
CA GLY C 153 -5.63 -0.43 -36.86
C GLY C 153 -4.51 -0.09 -35.89
N LYS C 154 -4.25 1.21 -35.73
CA LYS C 154 -3.22 1.77 -34.85
C LYS C 154 -3.49 1.50 -33.37
N LYS C 155 -4.75 1.24 -33.01
CA LYS C 155 -5.16 0.95 -31.63
C LYS C 155 -5.40 -0.56 -31.41
N GLY C 156 -4.92 -1.40 -32.33
CA GLY C 156 -5.04 -2.86 -32.29
C GLY C 156 -4.46 -3.54 -31.05
N ASN C 157 -3.51 -2.87 -30.37
CA ASN C 157 -2.85 -3.37 -29.14
C ASN C 157 -3.59 -2.93 -27.85
N LEU C 158 -4.59 -2.05 -28.01
CA LEU C 158 -5.36 -1.49 -26.90
C LEU C 158 -6.62 -2.28 -26.56
N VAL C 159 -6.76 -2.64 -25.29
CA VAL C 159 -7.94 -3.28 -24.72
C VAL C 159 -8.88 -2.11 -24.35
N TYR C 160 -10.10 -2.10 -24.88
CA TYR C 160 -11.11 -1.08 -24.52
C TYR C 160 -12.17 -1.69 -23.60
N ILE C 161 -12.72 -0.89 -22.68
CA ILE C 161 -13.81 -1.36 -21.84
C ILE C 161 -15.10 -0.71 -22.36
N ILE C 162 -16.16 -1.49 -22.49
CA ILE C 162 -17.44 -1.00 -22.99
C ILE C 162 -18.60 -1.35 -22.06
N ASP C 163 -19.79 -0.80 -22.37
CA ASP C 163 -21.08 -1.03 -21.75
C ASP C 163 -21.16 -0.57 -20.31
N PHE C 164 -21.84 0.58 -20.11
CA PHE C 164 -22.08 1.17 -18.79
C PHE C 164 -23.55 1.15 -18.42
N GLY C 165 -24.32 0.29 -19.09
CA GLY C 165 -25.75 0.13 -18.84
C GLY C 165 -26.06 -0.37 -17.44
N LEU C 166 -25.19 -1.22 -16.89
CA LEU C 166 -25.32 -1.79 -15.54
C LEU C 166 -24.47 -1.05 -14.50
N ALA C 167 -23.68 -0.04 -14.94
CA ALA C 167 -22.78 0.73 -14.06
C ALA C 167 -23.52 1.58 -13.05
N LYS C 168 -22.86 1.78 -11.90
CA LYS C 168 -23.41 2.53 -10.78
C LYS C 168 -22.34 3.38 -10.10
N LYS C 169 -22.73 4.57 -9.59
CA LYS C 169 -21.84 5.44 -8.83
C LYS C 169 -21.67 4.77 -7.44
N TYR C 170 -20.43 4.54 -6.98
CA TYR C 170 -20.18 3.90 -5.68
C TYR C 170 -19.81 4.88 -4.57
N TYR C 181 -23.56 -0.15 2.56
CA TYR C 181 -23.61 -1.61 2.57
C TYR C 181 -25.07 -2.10 2.50
N ARG C 182 -25.40 -2.94 1.49
CA ARG C 182 -26.75 -3.46 1.28
C ARG C 182 -26.72 -4.94 0.94
N GLU C 183 -27.73 -5.69 1.41
CA GLU C 183 -27.88 -7.14 1.22
C GLU C 183 -29.15 -7.50 0.39
N ASN C 184 -29.98 -6.49 0.03
CA ASN C 184 -31.21 -6.66 -0.74
C ASN C 184 -30.92 -6.83 -2.25
N LYS C 185 -29.76 -6.30 -2.70
CA LYS C 185 -29.26 -6.29 -4.08
C LYS C 185 -29.44 -7.58 -4.91
N ASN C 186 -30.05 -7.43 -6.10
CA ASN C 186 -30.29 -8.51 -7.06
C ASN C 186 -29.03 -8.71 -7.94
N LEU C 187 -28.88 -9.90 -8.57
CA LEU C 187 -27.70 -10.19 -9.40
C LEU C 187 -27.66 -9.34 -10.68
N THR C 188 -27.02 -8.15 -10.58
CA THR C 188 -26.85 -7.26 -11.73
C THR C 188 -25.48 -7.59 -12.32
N GLY C 189 -25.51 -8.27 -13.46
CA GLY C 189 -24.35 -8.74 -14.18
C GLY C 189 -24.55 -10.15 -14.71
N THR C 190 -23.45 -10.82 -15.06
CA THR C 190 -23.45 -12.18 -15.58
C THR C 190 -23.08 -13.16 -14.46
N ALA C 191 -23.94 -14.17 -14.26
CA ALA C 191 -23.78 -15.20 -13.21
C ALA C 191 -22.46 -15.93 -13.29
N ARG C 192 -21.96 -16.22 -14.51
CA ARG C 192 -20.69 -16.93 -14.69
C ARG C 192 -19.49 -16.24 -14.05
N TYR C 193 -19.44 -14.91 -14.14
CA TYR C 193 -18.32 -14.12 -13.64
C TYR C 193 -18.60 -13.35 -12.35
N ALA C 194 -19.83 -13.45 -11.83
CA ALA C 194 -20.24 -12.75 -10.60
C ALA C 194 -19.40 -13.18 -9.38
N SER C 195 -19.07 -12.22 -8.49
CA SER C 195 -18.32 -12.47 -7.26
C SER C 195 -19.17 -13.29 -6.32
N ILE C 196 -18.55 -13.93 -5.31
CA ILE C 196 -19.28 -14.67 -4.29
C ILE C 196 -20.24 -13.72 -3.53
N ASN C 197 -19.76 -12.49 -3.21
CA ASN C 197 -20.55 -11.44 -2.54
C ASN C 197 -21.83 -11.13 -3.33
N THR C 198 -21.76 -11.14 -4.68
CA THR C 198 -22.91 -10.87 -5.55
C THR C 198 -23.94 -11.99 -5.39
N HIS C 199 -23.47 -13.25 -5.43
CA HIS C 199 -24.32 -14.44 -5.26
C HIS C 199 -25.03 -14.43 -3.90
N LEU C 200 -24.39 -13.84 -2.87
CA LEU C 200 -24.95 -13.69 -1.53
C LEU C 200 -25.97 -12.55 -1.44
N GLY C 201 -26.07 -11.75 -2.50
CA GLY C 201 -26.98 -10.61 -2.60
C GLY C 201 -26.43 -9.32 -2.04
N ILE C 202 -25.10 -9.22 -1.88
CA ILE C 202 -24.43 -8.03 -1.33
C ILE C 202 -24.27 -6.97 -2.41
N GLU C 203 -24.43 -5.69 -2.03
CA GLU C 203 -24.24 -4.54 -2.93
C GLU C 203 -22.82 -4.63 -3.53
N GLN C 204 -22.73 -4.51 -4.85
CA GLN C 204 -21.45 -4.58 -5.56
C GLN C 204 -20.61 -3.36 -5.29
N SER C 205 -19.29 -3.55 -5.19
CA SER C 205 -18.32 -2.48 -4.98
C SER C 205 -17.09 -2.76 -5.82
N ARG C 206 -16.00 -1.99 -5.62
CA ARG C 206 -14.73 -2.09 -6.36
C ARG C 206 -14.12 -3.50 -6.39
N ARG C 207 -14.14 -4.20 -5.25
CA ARG C 207 -13.64 -5.57 -5.11
C ARG C 207 -14.34 -6.57 -6.07
N ASP C 208 -15.66 -6.38 -6.30
CA ASP C 208 -16.50 -7.24 -7.15
C ASP C 208 -16.12 -7.18 -8.63
N ASP C 209 -15.77 -5.97 -9.13
CA ASP C 209 -15.33 -5.80 -10.51
C ASP C 209 -14.03 -6.59 -10.70
N LEU C 210 -13.11 -6.46 -9.71
CA LEU C 210 -11.83 -7.15 -9.74
C LEU C 210 -11.94 -8.67 -9.58
N GLU C 211 -12.84 -9.14 -8.69
CA GLU C 211 -13.04 -10.59 -8.50
C GLU C 211 -13.57 -11.20 -9.81
N SER C 212 -14.53 -10.54 -10.47
CA SER C 212 -15.07 -10.93 -11.78
C SER C 212 -13.93 -11.05 -12.80
N LEU C 213 -12.99 -10.07 -12.81
CA LEU C 213 -11.83 -10.13 -13.70
C LEU C 213 -10.99 -11.38 -13.43
N GLY C 214 -10.81 -11.73 -12.15
CA GLY C 214 -10.10 -12.93 -11.75
C GLY C 214 -10.70 -14.19 -12.35
N TYR C 215 -12.05 -14.33 -12.36
CA TYR C 215 -12.75 -15.47 -12.98
C TYR C 215 -12.61 -15.43 -14.50
N VAL C 216 -12.59 -14.21 -15.11
CA VAL C 216 -12.42 -14.09 -16.57
C VAL C 216 -11.02 -14.59 -17.00
N LEU C 217 -9.98 -14.24 -16.20
CA LEU C 217 -8.59 -14.65 -16.46
C LEU C 217 -8.44 -16.19 -16.36
N MET C 218 -9.09 -16.82 -15.35
CA MET C 218 -9.11 -18.27 -15.19
C MET C 218 -9.89 -18.96 -16.31
N TYR C 219 -10.98 -18.33 -16.75
CA TYR C 219 -11.80 -18.76 -17.88
C TYR C 219 -10.93 -18.84 -19.14
N PHE C 220 -10.07 -17.80 -19.38
CA PHE C 220 -9.12 -17.74 -20.51
C PHE C 220 -8.05 -18.84 -20.41
N ASN C 221 -7.63 -19.17 -19.17
CA ASN C 221 -6.66 -20.23 -18.93
C ASN C 221 -7.24 -21.62 -19.15
N LEU C 222 -8.47 -21.88 -18.65
CA LEU C 222 -9.11 -23.21 -18.71
C LEU C 222 -9.90 -23.53 -19.97
N GLY C 223 -10.43 -22.49 -20.62
CA GLY C 223 -11.31 -22.64 -21.78
C GLY C 223 -12.77 -22.61 -21.34
N SER C 224 -13.00 -22.82 -20.02
CA SER C 224 -14.31 -22.83 -19.38
C SER C 224 -14.13 -22.71 -17.84
N LEU C 225 -15.22 -22.47 -17.11
CA LEU C 225 -15.18 -22.40 -15.65
C LEU C 225 -15.96 -23.61 -15.11
N PRO C 226 -15.60 -24.18 -13.93
CA PRO C 226 -16.31 -25.37 -13.43
C PRO C 226 -17.81 -25.22 -13.14
N TRP C 227 -18.33 -23.99 -13.07
CA TRP C 227 -19.74 -23.68 -12.82
C TRP C 227 -20.49 -23.29 -14.09
N GLN C 228 -19.82 -23.44 -15.26
CA GLN C 228 -20.38 -23.15 -16.59
C GLN C 228 -21.11 -24.39 -17.09
N GLY C 229 -22.23 -24.16 -17.78
CA GLY C 229 -23.08 -25.19 -18.36
C GLY C 229 -23.63 -26.20 -17.36
N LEU C 230 -24.06 -25.72 -16.17
CA LEU C 230 -24.62 -26.61 -15.13
C LEU C 230 -26.08 -26.91 -15.45
N LYS C 231 -26.54 -28.13 -15.05
CA LYS C 231 -27.92 -28.62 -15.21
C LYS C 231 -28.93 -27.61 -14.68
N ALA C 232 -29.74 -27.05 -15.59
CA ALA C 232 -30.74 -26.05 -15.26
C ALA C 232 -32.15 -26.40 -15.77
N ALA C 233 -33.14 -25.58 -15.37
CA ALA C 233 -34.56 -25.66 -15.73
C ALA C 233 -35.18 -24.27 -15.54
N THR C 234 -34.62 -23.51 -14.59
CA THR C 234 -35.00 -22.15 -14.23
C THR C 234 -33.70 -21.35 -14.01
N LYS C 235 -33.62 -20.10 -14.53
CA LYS C 235 -32.44 -19.25 -14.36
C LYS C 235 -32.13 -18.91 -12.88
N ARG C 236 -33.19 -18.75 -12.04
CA ARG C 236 -33.09 -18.48 -10.60
C ARG C 236 -32.41 -19.69 -9.92
N GLN C 237 -32.74 -20.91 -10.41
CA GLN C 237 -32.19 -22.19 -9.96
C GLN C 237 -30.80 -22.42 -10.56
N LYS C 238 -30.55 -21.92 -11.80
CA LYS C 238 -29.24 -21.98 -12.49
C LYS C 238 -28.23 -21.12 -11.69
N TYR C 239 -28.64 -19.89 -11.29
CA TYR C 239 -27.87 -18.95 -10.47
C TYR C 239 -27.51 -19.59 -9.12
N GLU C 240 -28.47 -20.35 -8.51
CA GLU C 240 -28.27 -21.05 -7.23
C GLU C 240 -27.21 -22.15 -7.38
N ARG C 241 -27.28 -22.93 -8.49
CA ARG C 241 -26.33 -23.99 -8.83
C ARG C 241 -24.91 -23.42 -9.02
N ILE C 242 -24.78 -22.25 -9.71
CA ILE C 242 -23.49 -21.56 -9.95
C ILE C 242 -22.94 -21.08 -8.60
N SER C 243 -23.79 -20.40 -7.80
CA SER C 243 -23.45 -19.91 -6.46
C SER C 243 -22.90 -21.04 -5.58
N GLU C 244 -23.62 -22.20 -5.50
CA GLU C 244 -23.22 -23.38 -4.72
C GLU C 244 -21.88 -23.95 -5.22
N LYS C 245 -21.71 -24.04 -6.57
CA LYS C 245 -20.49 -24.56 -7.19
C LYS C 245 -19.29 -23.64 -6.93
N LYS C 246 -19.49 -22.31 -7.03
CA LYS C 246 -18.43 -21.31 -6.80
C LYS C 246 -17.95 -21.39 -5.36
N MET C 247 -18.90 -21.48 -4.43
CA MET C 247 -18.61 -21.54 -2.99
C MET C 247 -17.99 -22.85 -2.56
N SER C 248 -18.27 -23.96 -3.29
CA SER C 248 -17.73 -25.28 -2.97
C SER C 248 -16.42 -25.59 -3.73
N THR C 249 -15.96 -24.68 -4.61
CA THR C 249 -14.74 -24.86 -5.38
C THR C 249 -13.60 -24.00 -4.77
N PRO C 250 -12.68 -24.58 -3.97
CA PRO C 250 -11.56 -23.78 -3.43
C PRO C 250 -10.72 -23.13 -4.53
N ILE C 251 -10.27 -21.88 -4.29
CA ILE C 251 -9.46 -21.11 -5.25
C ILE C 251 -8.26 -21.93 -5.76
N GLU C 252 -7.63 -22.71 -4.89
CA GLU C 252 -6.51 -23.58 -5.22
C GLU C 252 -6.91 -24.73 -6.17
N VAL C 253 -8.16 -25.24 -6.10
CA VAL C 253 -8.68 -26.29 -7.00
C VAL C 253 -8.96 -25.67 -8.37
N LEU C 254 -9.61 -24.48 -8.36
CA LEU C 254 -9.94 -23.71 -9.56
C LEU C 254 -8.67 -23.40 -10.37
N CYS C 255 -7.62 -22.91 -9.67
CA CYS C 255 -6.35 -22.50 -10.28
C CYS C 255 -5.28 -23.60 -10.40
N LYS C 256 -5.61 -24.86 -10.03
CA LYS C 256 -4.69 -26.00 -10.09
C LYS C 256 -4.03 -26.16 -11.49
N GLY C 257 -2.72 -26.32 -11.48
CA GLY C 257 -1.89 -26.46 -12.67
C GLY C 257 -1.53 -25.14 -13.34
N TYR C 258 -1.98 -23.99 -12.78
CA TYR C 258 -1.70 -22.67 -13.36
C TYR C 258 -0.84 -21.85 -12.41
N PRO C 259 -0.10 -20.81 -12.87
CA PRO C 259 0.74 -20.04 -11.93
C PRO C 259 -0.03 -19.52 -10.73
N SER C 260 0.60 -19.60 -9.53
CA SER C 260 0.03 -19.21 -8.23
C SER C 260 -0.61 -17.80 -8.23
N GLU C 261 -0.08 -16.87 -9.07
CA GLU C 261 -0.54 -15.48 -9.17
C GLU C 261 -2.05 -15.35 -9.39
N PHE C 262 -2.64 -16.28 -10.18
CA PHE C 262 -4.09 -16.31 -10.45
C PHE C 262 -4.89 -16.57 -9.19
N ALA C 263 -4.38 -17.47 -8.31
CA ALA C 263 -4.97 -17.80 -7.01
C ALA C 263 -4.77 -16.64 -6.02
N THR C 264 -3.53 -16.08 -5.95
CA THR C 264 -3.17 -14.94 -5.08
C THR C 264 -4.07 -13.75 -5.43
N TYR C 265 -4.31 -13.50 -6.75
CA TYR C 265 -5.19 -12.44 -7.24
C TYR C 265 -6.60 -12.65 -6.68
N LEU C 266 -7.18 -13.85 -6.88
CA LEU C 266 -8.55 -14.14 -6.41
C LEU C 266 -8.68 -14.08 -4.89
N ASN C 267 -7.65 -14.56 -4.17
CA ASN C 267 -7.63 -14.52 -2.70
C ASN C 267 -7.60 -13.07 -2.22
N PHE C 268 -6.81 -12.19 -2.88
CA PHE C 268 -6.72 -10.78 -2.52
C PHE C 268 -8.09 -10.11 -2.67
N CYS C 269 -8.76 -10.35 -3.84
CA CYS C 269 -10.08 -9.81 -4.15
C CYS C 269 -11.14 -10.26 -3.13
N ARG C 270 -11.12 -11.55 -2.77
CA ARG C 270 -12.03 -12.15 -1.78
C ARG C 270 -11.74 -11.67 -0.36
N SER C 271 -10.54 -11.10 -0.12
CA SER C 271 -10.17 -10.58 1.22
C SER C 271 -10.52 -9.09 1.42
N LEU C 272 -10.76 -8.36 0.31
CA LEU C 272 -11.07 -6.93 0.34
C LEU C 272 -12.39 -6.65 1.06
N ARG C 273 -12.42 -5.58 1.85
CA ARG C 273 -13.64 -5.17 2.54
C ARG C 273 -14.52 -4.41 1.56
N PHE C 274 -15.82 -4.24 1.91
CA PHE C 274 -16.80 -3.57 1.05
C PHE C 274 -16.34 -2.18 0.56
N ASP C 275 -15.90 -1.31 1.47
CA ASP C 275 -15.50 0.06 1.10
C ASP C 275 -14.00 0.23 0.80
N ASP C 276 -13.25 -0.88 0.79
CA ASP C 276 -11.80 -0.90 0.53
C ASP C 276 -11.41 -0.42 -0.84
N LYS C 277 -10.37 0.43 -0.88
CA LYS C 277 -9.77 0.87 -2.14
C LYS C 277 -8.75 -0.27 -2.49
N PRO C 278 -8.98 -1.02 -3.60
CA PRO C 278 -8.07 -2.13 -3.94
C PRO C 278 -6.68 -1.65 -4.29
N ASP C 279 -5.67 -2.46 -4.00
CA ASP C 279 -4.30 -2.13 -4.38
C ASP C 279 -4.08 -2.62 -5.81
N TYR C 280 -4.52 -1.81 -6.81
CA TYR C 280 -4.43 -2.11 -8.26
C TYR C 280 -3.00 -2.32 -8.70
N SER C 281 -2.08 -1.50 -8.17
CA SER C 281 -0.65 -1.56 -8.43
C SER C 281 -0.10 -2.93 -7.98
N TYR C 282 -0.51 -3.43 -6.81
CA TYR C 282 -0.07 -4.73 -6.32
C TYR C 282 -0.51 -5.86 -7.27
N LEU C 283 -1.78 -5.82 -7.71
CA LEU C 283 -2.39 -6.80 -8.63
C LEU C 283 -1.69 -6.84 -9.99
N ARG C 284 -1.36 -5.65 -10.56
CA ARG C 284 -0.65 -5.57 -11.83
C ARG C 284 0.78 -6.10 -11.66
N GLN C 285 1.45 -5.72 -10.55
CA GLN C 285 2.81 -6.15 -10.19
C GLN C 285 2.91 -7.65 -10.04
N LEU C 286 1.84 -8.30 -9.51
CA LEU C 286 1.73 -9.75 -9.32
C LEU C 286 1.91 -10.43 -10.70
N PHE C 287 1.10 -10.01 -11.69
CA PHE C 287 1.17 -10.54 -13.06
C PHE C 287 2.41 -10.09 -13.82
N ARG C 288 2.88 -8.85 -13.57
CA ARG C 288 4.10 -8.28 -14.18
C ARG C 288 5.35 -9.05 -13.76
N ASN C 289 5.47 -9.43 -12.45
CA ASN C 289 6.61 -10.21 -11.95
C ASN C 289 6.64 -11.60 -12.58
N LEU C 290 5.44 -12.23 -12.74
CA LEU C 290 5.29 -13.53 -13.37
C LEU C 290 5.67 -13.43 -14.87
N PHE C 291 5.25 -12.34 -15.55
CA PHE C 291 5.53 -12.04 -16.97
C PHE C 291 7.06 -12.00 -17.18
N HIS C 292 7.79 -11.29 -16.29
CA HIS C 292 9.24 -11.17 -16.33
C HIS C 292 9.96 -12.51 -16.01
N ARG C 293 9.43 -13.31 -15.06
CA ARG C 293 9.97 -14.61 -14.68
C ARG C 293 9.82 -15.58 -15.86
N GLN C 294 8.72 -15.45 -16.62
CA GLN C 294 8.46 -16.27 -17.80
C GLN C 294 9.33 -15.87 -19.01
N GLY C 295 9.96 -14.68 -18.94
CA GLY C 295 10.84 -14.15 -19.97
C GLY C 295 10.11 -13.59 -21.18
N PHE C 296 8.81 -13.25 -21.01
CA PHE C 296 8.00 -12.70 -22.10
C PHE C 296 8.37 -11.24 -22.32
N SER C 297 8.21 -10.75 -23.57
CA SER C 297 8.46 -9.35 -23.89
C SER C 297 7.14 -8.60 -24.03
N TYR C 298 7.09 -7.39 -23.48
CA TYR C 298 5.89 -6.56 -23.52
C TYR C 298 5.85 -5.85 -24.88
N ASP C 299 5.51 -6.63 -25.92
CA ASP C 299 5.48 -6.22 -27.33
C ASP C 299 4.09 -6.17 -27.95
N TYR C 300 3.02 -6.47 -27.17
CA TYR C 300 1.62 -6.48 -27.59
C TYR C 300 1.36 -7.47 -28.74
N VAL C 301 2.07 -8.60 -28.78
CA VAL C 301 1.82 -9.60 -29.83
C VAL C 301 0.95 -10.65 -29.14
N PHE C 302 -0.37 -10.60 -29.41
CA PHE C 302 -1.35 -11.52 -28.82
C PHE C 302 -1.47 -12.77 -29.69
N ASP C 303 -2.10 -13.85 -29.19
CA ASP C 303 -2.28 -15.10 -29.95
C ASP C 303 -2.92 -14.88 -31.32
N TRP C 304 -3.96 -14.03 -31.38
CA TRP C 304 -4.68 -13.74 -32.63
C TRP C 304 -3.84 -13.02 -33.68
N ASN C 305 -2.79 -12.28 -33.24
CA ASN C 305 -1.87 -11.58 -34.17
C ASN C 305 -0.99 -12.58 -34.97
N MET C 306 -0.95 -13.85 -34.51
CA MET C 306 -0.19 -14.95 -35.11
C MET C 306 -0.96 -15.76 -36.14
N LEU C 307 -2.30 -15.56 -36.22
CA LEU C 307 -3.22 -16.26 -37.10
C LEU C 307 -3.27 -15.60 -38.47
N LEU D 17 -8.07 -45.40 44.88
CA LEU D 17 -7.42 -46.68 44.58
C LEU D 17 -5.96 -46.52 44.14
N ARG D 18 -5.13 -47.55 44.40
CA ARG D 18 -3.70 -47.53 44.04
C ARG D 18 -3.51 -47.66 42.52
N VAL D 19 -2.60 -46.85 41.95
CA VAL D 19 -2.27 -46.81 40.52
C VAL D 19 -0.73 -46.71 40.36
N GLY D 20 -0.15 -47.70 39.69
CA GLY D 20 1.29 -47.79 39.40
C GLY D 20 2.26 -47.59 40.55
N ASN D 21 1.97 -48.18 41.73
CA ASN D 21 2.76 -48.16 42.96
C ASN D 21 2.90 -46.83 43.73
N ARG D 22 2.75 -45.67 43.05
CA ARG D 22 2.91 -44.37 43.73
C ARG D 22 1.74 -43.41 43.57
N TYR D 23 0.79 -43.73 42.69
CA TYR D 23 -0.36 -42.84 42.46
C TYR D 23 -1.63 -43.33 43.15
N ARG D 24 -2.39 -42.37 43.70
CA ARG D 24 -3.66 -42.62 44.39
C ARG D 24 -4.74 -42.02 43.51
N LEU D 25 -5.65 -42.85 42.99
CA LEU D 25 -6.72 -42.40 42.11
C LEU D 25 -7.83 -41.68 42.91
N GLY D 26 -8.17 -40.48 42.46
CA GLY D 26 -9.21 -39.62 43.04
C GLY D 26 -10.48 -39.66 42.22
N ARG D 27 -11.31 -38.62 42.38
CA ARG D 27 -12.62 -38.49 41.72
C ARG D 27 -12.55 -38.08 40.25
N LYS D 28 -13.55 -38.54 39.47
CA LYS D 28 -13.73 -38.27 38.04
C LYS D 28 -14.03 -36.78 37.83
N ILE D 29 -13.22 -36.13 37.00
CA ILE D 29 -13.43 -34.71 36.70
C ILE D 29 -13.98 -34.47 35.29
N GLY D 30 -13.69 -35.39 34.37
CA GLY D 30 -14.12 -35.34 32.98
C GLY D 30 -13.77 -36.58 32.18
N ASP D 36 -11.70 -41.63 30.40
CA ASP D 36 -12.22 -40.78 31.47
C ASP D 36 -11.09 -40.09 32.23
N ILE D 37 -11.29 -38.80 32.59
CA ILE D 37 -10.30 -37.99 33.30
C ILE D 37 -10.60 -37.93 34.80
N TYR D 38 -9.58 -38.20 35.62
CA TYR D 38 -9.66 -38.24 37.08
C TYR D 38 -8.59 -37.40 37.71
N LEU D 39 -8.86 -36.94 38.93
CA LEU D 39 -7.88 -36.25 39.73
C LEU D 39 -7.11 -37.34 40.47
N GLY D 40 -5.90 -37.04 40.92
CA GLY D 40 -5.08 -38.03 41.61
C GLY D 40 -3.93 -37.44 42.38
N THR D 41 -3.24 -38.26 43.17
CA THR D 41 -2.10 -37.78 43.93
C THR D 41 -0.87 -38.65 43.68
N ASP D 42 0.27 -37.98 43.43
CA ASP D 42 1.56 -38.67 43.37
C ASP D 42 1.98 -38.69 44.85
N ILE D 43 1.80 -39.86 45.50
CA ILE D 43 2.12 -40.10 46.92
C ILE D 43 3.61 -39.89 47.23
N ALA D 44 4.50 -40.34 46.31
CA ALA D 44 5.95 -40.25 46.49
C ALA D 44 6.50 -38.82 46.45
N ALA D 45 6.05 -38.01 45.49
CA ALA D 45 6.50 -36.64 45.31
C ALA D 45 5.65 -35.62 46.09
N GLY D 46 4.48 -36.04 46.58
CA GLY D 46 3.55 -35.16 47.29
C GLY D 46 2.99 -34.10 46.37
N GLU D 47 2.45 -34.54 45.23
CA GLU D 47 1.92 -33.65 44.22
C GLU D 47 0.65 -34.19 43.63
N GLU D 48 -0.30 -33.29 43.40
CA GLU D 48 -1.57 -33.61 42.78
C GLU D 48 -1.31 -33.79 41.29
N VAL D 49 -1.99 -34.76 40.64
CA VAL D 49 -1.82 -35.07 39.20
C VAL D 49 -3.18 -35.28 38.53
N ALA D 50 -3.18 -35.43 37.22
CA ALA D 50 -4.37 -35.75 36.42
C ALA D 50 -4.15 -37.16 35.85
N ILE D 51 -5.19 -38.00 35.91
CA ILE D 51 -5.08 -39.40 35.46
C ILE D 51 -6.17 -39.71 34.44
N LYS D 52 -5.75 -40.27 33.30
CA LYS D 52 -6.66 -40.65 32.23
C LYS D 52 -6.74 -42.17 32.19
N LEU D 53 -7.96 -42.72 32.31
CA LEU D 53 -8.19 -44.17 32.25
C LEU D 53 -8.84 -44.54 30.89
N GLU D 54 -8.63 -45.80 30.45
CA GLU D 54 -9.21 -46.38 29.23
C GLU D 54 -9.44 -47.87 29.51
N CYS D 55 -10.71 -48.33 29.43
CA CYS D 55 -11.06 -49.73 29.70
C CYS D 55 -10.51 -50.69 28.66
N PRO D 61 -9.39 -48.53 20.89
CA PRO D 61 -8.31 -48.15 21.82
C PRO D 61 -7.53 -46.96 21.28
N GLN D 62 -7.25 -45.96 22.14
CA GLN D 62 -6.59 -44.71 21.75
C GLN D 62 -5.54 -44.16 22.73
N LEU D 63 -5.55 -44.60 24.03
CA LEU D 63 -4.63 -44.10 25.06
C LEU D 63 -3.16 -44.27 24.70
N HIS D 64 -2.79 -45.47 24.20
CA HIS D 64 -1.42 -45.80 23.82
C HIS D 64 -0.87 -44.94 22.66
N ILE D 65 -1.68 -44.70 21.61
CA ILE D 65 -1.30 -43.85 20.48
C ILE D 65 -1.11 -42.39 21.01
N GLU D 66 -2.09 -41.91 21.80
CA GLU D 66 -2.09 -40.56 22.36
C GLU D 66 -0.85 -40.30 23.24
N SER D 67 -0.46 -41.29 24.11
CA SER D 67 0.73 -41.22 24.98
C SER D 67 2.02 -41.06 24.15
N LYS D 68 2.09 -41.76 23.02
CA LYS D 68 3.20 -41.68 22.05
C LYS D 68 3.25 -40.27 21.41
N ILE D 69 2.07 -39.63 21.20
CA ILE D 69 2.04 -38.25 20.66
C ILE D 69 2.53 -37.28 21.75
N TYR D 70 1.99 -37.40 22.99
CA TYR D 70 2.42 -36.56 24.10
C TYR D 70 3.94 -36.71 24.33
N LYS D 71 4.47 -37.97 24.31
CA LYS D 71 5.90 -38.30 24.50
C LYS D 71 6.77 -37.57 23.46
N MET D 72 6.34 -37.61 22.19
CA MET D 72 7.03 -36.96 21.09
C MET D 72 7.01 -35.43 21.26
N MET D 73 5.92 -34.88 21.85
CA MET D 73 5.70 -33.45 22.09
C MET D 73 6.43 -32.90 23.33
N GLN D 74 6.93 -33.78 24.23
CA GLN D 74 7.60 -33.38 25.48
C GLN D 74 8.77 -32.40 25.24
N GLY D 75 8.95 -31.45 26.15
CA GLY D 75 10.00 -30.45 26.00
C GLY D 75 9.52 -29.13 25.44
N GLY D 76 8.43 -29.17 24.69
CA GLY D 76 7.80 -28.00 24.12
C GLY D 76 7.04 -27.21 25.17
N VAL D 77 7.05 -25.86 25.04
CA VAL D 77 6.36 -24.93 25.94
C VAL D 77 4.84 -25.21 25.88
N GLY D 78 4.20 -25.34 27.03
CA GLY D 78 2.75 -25.58 27.09
C GLY D 78 2.31 -26.96 26.62
N ILE D 79 3.21 -27.91 26.66
CA ILE D 79 2.90 -29.30 26.36
C ILE D 79 2.88 -29.99 27.72
N PRO D 80 1.75 -30.61 28.09
CA PRO D 80 1.67 -31.25 29.40
C PRO D 80 2.62 -32.42 29.53
N THR D 81 3.37 -32.45 30.64
CA THR D 81 4.33 -33.52 30.88
C THR D 81 3.61 -34.78 31.31
N ILE D 82 3.99 -35.92 30.73
CA ILE D 82 3.41 -37.21 31.10
C ILE D 82 4.39 -37.87 32.07
N ARG D 83 3.94 -38.04 33.33
CA ARG D 83 4.72 -38.56 34.45
C ARG D 83 4.89 -40.09 34.41
N TRP D 84 3.84 -40.79 33.95
CA TRP D 84 3.79 -42.24 33.86
C TRP D 84 2.62 -42.69 32.97
N CYS D 85 2.74 -43.92 32.42
CA CYS D 85 1.72 -44.66 31.68
C CYS D 85 1.94 -46.17 31.71
N GLY D 86 0.88 -46.88 32.05
CA GLY D 86 0.86 -48.33 32.18
C GLY D 86 -0.53 -48.91 32.04
N ALA D 87 -0.74 -50.09 32.62
CA ALA D 87 -2.00 -50.83 32.59
C ALA D 87 -2.13 -51.58 33.90
N GLU D 88 -2.89 -51.00 34.84
CA GLU D 88 -3.10 -51.55 36.18
C GLU D 88 -4.03 -52.78 36.19
N GLY D 89 -5.31 -52.56 36.47
CA GLY D 89 -6.28 -53.65 36.51
C GLY D 89 -6.80 -53.92 35.13
N ASP D 90 -8.10 -53.68 34.93
CA ASP D 90 -8.76 -53.82 33.63
C ASP D 90 -8.90 -52.43 33.00
N TYR D 91 -7.82 -51.63 33.12
CA TYR D 91 -7.71 -50.27 32.59
C TYR D 91 -6.30 -49.91 32.15
N ASN D 92 -6.19 -49.17 31.04
CA ASN D 92 -4.94 -48.58 30.58
C ASN D 92 -4.96 -47.16 31.19
N VAL D 93 -3.83 -46.76 31.79
CA VAL D 93 -3.68 -45.52 32.53
C VAL D 93 -2.55 -44.63 32.04
N MET D 94 -2.80 -43.31 32.07
CA MET D 94 -1.85 -42.26 31.70
CA MET D 94 -1.84 -42.27 31.71
C MET D 94 -1.88 -41.21 32.81
N VAL D 95 -0.71 -40.85 33.33
CA VAL D 95 -0.60 -39.88 34.41
C VAL D 95 0.03 -38.61 33.84
N MET D 96 -0.63 -37.48 34.06
CA MET D 96 -0.17 -36.21 33.56
C MET D 96 -0.05 -35.26 34.74
N GLU D 97 0.87 -34.29 34.65
CA GLU D 97 0.97 -33.25 35.67
C GLU D 97 -0.39 -32.51 35.73
N LEU D 98 -0.74 -31.97 36.90
CA LEU D 98 -2.00 -31.25 37.07
C LEU D 98 -2.00 -29.86 36.41
N LEU D 99 -3.04 -29.60 35.62
CA LEU D 99 -3.21 -28.32 34.94
C LEU D 99 -4.49 -27.67 35.46
N GLY D 100 -4.71 -26.42 35.07
CA GLY D 100 -5.87 -25.65 35.51
C GLY D 100 -7.09 -25.81 34.64
N PRO D 101 -8.04 -24.87 34.81
CA PRO D 101 -9.28 -24.91 34.01
C PRO D 101 -9.05 -24.72 32.53
N SER D 102 -10.02 -25.16 31.72
CA SER D 102 -10.00 -24.95 30.28
C SER D 102 -10.40 -23.52 29.99
N LEU D 103 -10.06 -23.03 28.78
CA LEU D 103 -10.45 -21.69 28.34
C LEU D 103 -11.97 -21.60 28.25
N GLU D 104 -12.66 -22.72 27.95
CA GLU D 104 -14.12 -22.79 27.92
C GLU D 104 -14.68 -22.59 29.33
N ASP D 105 -14.10 -23.29 30.34
CA ASP D 105 -14.50 -23.13 31.75
C ASP D 105 -14.24 -21.68 32.18
N LEU D 106 -13.05 -21.13 31.84
CA LEU D 106 -12.70 -19.74 32.19
C LEU D 106 -13.57 -18.70 31.50
N PHE D 107 -14.01 -18.97 30.25
CA PHE D 107 -14.90 -18.09 29.49
C PHE D 107 -16.27 -18.01 30.18
N ASN D 108 -16.87 -19.17 30.53
CA ASN D 108 -18.15 -19.28 31.25
C ASN D 108 -18.09 -18.62 32.62
N PHE D 109 -16.95 -18.76 33.31
CA PHE D 109 -16.72 -18.17 34.62
C PHE D 109 -16.62 -16.64 34.52
N CYS D 110 -16.19 -16.14 33.35
CA CYS D 110 -16.09 -14.71 33.03
C CYS D 110 -17.32 -14.15 32.33
N SER D 111 -18.48 -14.85 32.46
CA SER D 111 -19.77 -14.45 31.87
C SER D 111 -19.75 -14.39 30.32
N ARG D 112 -18.96 -15.28 29.71
CA ARG D 112 -18.80 -15.41 28.27
C ARG D 112 -18.38 -14.07 27.60
N LYS D 113 -17.47 -13.35 28.27
CA LYS D 113 -16.93 -12.09 27.77
C LYS D 113 -15.49 -11.95 28.22
N PHE D 114 -14.59 -11.76 27.25
CA PHE D 114 -13.17 -11.54 27.50
C PHE D 114 -12.79 -10.20 26.94
N SER D 115 -11.96 -9.45 27.65
CA SER D 115 -11.47 -8.16 27.17
C SER D 115 -10.57 -8.42 25.96
N LEU D 116 -10.29 -7.39 25.17
CA LEU D 116 -9.41 -7.49 24.03
C LEU D 116 -8.01 -7.93 24.46
N LYS D 117 -7.52 -7.38 25.60
CA LYS D 117 -6.21 -7.71 26.17
C LYS D 117 -6.11 -9.23 26.41
N THR D 118 -7.13 -9.82 27.08
CA THR D 118 -7.15 -11.29 27.37
C THR D 118 -7.15 -12.10 26.05
N VAL D 119 -8.00 -11.70 25.07
CA VAL D 119 -8.06 -12.37 23.77
C VAL D 119 -6.66 -12.35 23.09
N LEU D 120 -5.96 -11.20 23.13
CA LEU D 120 -4.64 -11.06 22.50
C LEU D 120 -3.55 -11.83 23.22
N LEU D 121 -3.57 -11.86 24.57
CA LEU D 121 -2.59 -12.61 25.34
C LEU D 121 -2.77 -14.11 25.01
N LEU D 122 -4.06 -14.56 24.93
CA LEU D 122 -4.40 -15.94 24.58
C LEU D 122 -3.99 -16.27 23.14
N ALA D 123 -4.31 -15.38 22.16
CA ALA D 123 -3.95 -15.57 20.75
C ALA D 123 -2.45 -15.80 20.55
N ASP D 124 -1.59 -14.97 21.22
CA ASP D 124 -0.14 -15.07 21.07
C ASP D 124 0.38 -16.47 21.41
N GLN D 125 -0.07 -17.00 22.55
CA GLN D 125 0.32 -18.30 23.01
C GLN D 125 -0.30 -19.44 22.21
N MET D 126 -1.59 -19.32 21.86
CA MET D 126 -2.32 -20.36 21.11
C MET D 126 -1.75 -20.59 19.71
N ILE D 127 -1.25 -19.52 19.05
CA ILE D 127 -0.61 -19.64 17.74
C ILE D 127 0.67 -20.45 17.92
N SER D 128 1.47 -20.12 18.96
CA SER D 128 2.73 -20.81 19.30
C SER D 128 2.54 -22.29 19.61
N ARG D 129 1.46 -22.65 20.34
CA ARG D 129 1.13 -24.04 20.68
C ARG D 129 0.84 -24.83 19.41
N ILE D 130 0.04 -24.24 18.49
CA ILE D 130 -0.33 -24.86 17.22
C ILE D 130 0.93 -25.05 16.36
N GLU D 131 1.80 -24.02 16.32
CA GLU D 131 3.08 -24.07 15.56
C GLU D 131 4.01 -25.18 16.06
N TYR D 132 4.11 -25.36 17.41
CA TYR D 132 4.94 -26.42 17.96
C TYR D 132 4.43 -27.80 17.53
N ILE D 133 3.10 -28.05 17.64
CA ILE D 133 2.47 -29.32 17.23
C ILE D 133 2.78 -29.58 15.76
N HIS D 134 2.67 -28.53 14.89
CA HIS D 134 3.00 -28.62 13.46
C HIS D 134 4.48 -28.94 13.23
N SER D 135 5.40 -28.31 14.03
CA SER D 135 6.85 -28.55 13.95
C SER D 135 7.18 -30.03 14.28
N LYS D 136 6.26 -30.71 14.97
CA LYS D 136 6.40 -32.11 15.36
C LYS D 136 5.60 -33.06 14.47
N ASN D 137 5.30 -32.56 13.24
CA ASN D 137 4.66 -33.30 12.13
C ASN D 137 3.22 -33.74 12.37
N PHE D 138 2.52 -33.05 13.29
CA PHE D 138 1.13 -33.34 13.61
C PHE D 138 0.24 -32.13 13.46
N ILE D 139 -1.03 -32.39 13.12
CA ILE D 139 -2.12 -31.41 13.10
C ILE D 139 -3.07 -31.83 14.22
N HIS D 140 -3.60 -30.87 14.95
CA HIS D 140 -4.47 -31.13 16.11
C HIS D 140 -5.86 -31.65 15.71
N ARG D 141 -6.51 -30.91 14.79
CA ARG D 141 -7.84 -31.18 14.18
C ARG D 141 -9.07 -30.87 15.04
N ASP D 142 -8.85 -30.46 16.30
CA ASP D 142 -9.94 -30.09 17.21
C ASP D 142 -9.56 -28.89 18.06
N VAL D 143 -9.11 -27.82 17.40
CA VAL D 143 -8.75 -26.56 18.04
C VAL D 143 -10.08 -25.92 18.50
N LYS D 144 -10.28 -25.90 19.84
CA LYS D 144 -11.49 -25.37 20.48
C LYS D 144 -11.10 -24.89 21.90
N PRO D 145 -11.91 -24.00 22.56
CA PRO D 145 -11.55 -23.53 23.92
C PRO D 145 -11.30 -24.62 24.98
N ASP D 146 -12.05 -25.73 24.91
CA ASP D 146 -11.99 -26.90 25.81
C ASP D 146 -10.62 -27.60 25.75
N ASN D 147 -9.93 -27.46 24.62
CA ASN D 147 -8.63 -28.12 24.39
C ASN D 147 -7.39 -27.29 24.73
N PHE D 148 -7.61 -26.17 25.42
CA PHE D 148 -6.55 -25.33 25.93
C PHE D 148 -6.79 -25.15 27.41
N LEU D 149 -5.78 -25.46 28.24
CA LEU D 149 -5.90 -25.28 29.68
C LEU D 149 -4.85 -24.31 30.18
N MET D 150 -5.19 -23.52 31.20
CA MET D 150 -4.20 -22.66 31.83
C MET D 150 -3.45 -23.57 32.83
N GLY D 151 -2.19 -23.26 33.11
CA GLY D 151 -1.47 -23.99 34.15
C GLY D 151 -1.93 -23.50 35.50
N LEU D 152 -1.42 -24.13 36.57
CA LEU D 152 -1.70 -23.76 37.95
C LEU D 152 -0.45 -23.16 38.59
N GLY D 153 -0.67 -22.41 39.67
CA GLY D 153 0.37 -21.76 40.47
C GLY D 153 1.35 -20.93 39.67
N LYS D 154 2.63 -21.35 39.67
CA LYS D 154 3.74 -20.71 38.97
C LYS D 154 3.55 -20.73 37.44
N LYS D 155 2.79 -21.71 36.93
CA LYS D 155 2.50 -21.88 35.48
C LYS D 155 1.13 -21.31 35.09
N GLY D 156 0.54 -20.50 35.97
CA GLY D 156 -0.77 -19.87 35.79
C GLY D 156 -0.92 -18.94 34.60
N ASN D 157 0.23 -18.40 34.10
CA ASN D 157 0.31 -17.49 32.93
C ASN D 157 0.43 -18.25 31.62
N LEU D 158 0.69 -19.55 31.71
CA LEU D 158 0.94 -20.40 30.54
C LEU D 158 -0.31 -21.15 30.06
N VAL D 159 -0.62 -20.99 28.77
CA VAL D 159 -1.72 -21.72 28.12
C VAL D 159 -1.11 -23.06 27.61
N TYR D 160 -1.75 -24.18 27.94
CA TYR D 160 -1.33 -25.52 27.54
C TYR D 160 -2.29 -26.06 26.48
N ILE D 161 -1.78 -26.88 25.57
CA ILE D 161 -2.64 -27.52 24.57
C ILE D 161 -2.81 -28.98 25.00
N ILE D 162 -4.04 -29.50 24.94
CA ILE D 162 -4.35 -30.88 25.32
C ILE D 162 -5.14 -31.63 24.25
N ASP D 163 -5.32 -32.93 24.48
CA ASP D 163 -6.11 -33.88 23.70
C ASP D 163 -5.61 -34.08 22.28
N PHE D 164 -4.98 -35.24 22.04
CA PHE D 164 -4.45 -35.63 20.75
C PHE D 164 -5.20 -36.83 20.17
N GLY D 165 -6.41 -37.08 20.67
CA GLY D 165 -7.26 -38.17 20.24
C GLY D 165 -7.67 -38.11 18.77
N LEU D 166 -7.87 -36.89 18.26
CA LEU D 166 -8.24 -36.63 16.86
C LEU D 166 -7.06 -36.20 16.01
N ALA D 167 -5.86 -36.07 16.61
CA ALA D 167 -4.64 -35.65 15.92
C ALA D 167 -4.16 -36.63 14.87
N LYS D 168 -3.51 -36.10 13.83
CA LYS D 168 -3.01 -36.89 12.70
C LYS D 168 -1.64 -36.37 12.23
N LYS D 169 -0.78 -37.28 11.78
CA LYS D 169 0.51 -36.92 11.19
C LYS D 169 0.20 -36.34 9.78
N TYR D 170 0.69 -35.11 9.49
CA TYR D 170 0.43 -34.49 8.18
C TYR D 170 1.60 -34.61 7.19
N HIS D 178 4.22 -34.21 2.63
CA HIS D 178 2.88 -33.84 3.10
C HIS D 178 1.87 -34.92 2.72
N ILE D 179 0.82 -35.11 3.55
CA ILE D 179 -0.26 -36.09 3.28
C ILE D 179 -1.01 -35.68 1.98
N PRO D 180 -1.46 -36.64 1.12
CA PRO D 180 -2.14 -36.20 -0.12
C PRO D 180 -3.49 -35.51 0.11
N TYR D 181 -3.87 -34.69 -0.88
CA TYR D 181 -5.12 -33.94 -0.92
C TYR D 181 -6.27 -34.93 -1.04
N ARG D 182 -7.27 -34.84 -0.15
CA ARG D 182 -8.43 -35.73 -0.18
C ARG D 182 -9.71 -34.97 0.02
N GLU D 183 -10.75 -35.41 -0.70
CA GLU D 183 -12.12 -34.90 -0.61
C GLU D 183 -12.95 -36.05 -0.04
N ASN D 184 -14.26 -35.85 0.24
CA ASN D 184 -15.15 -36.89 0.81
C ASN D 184 -14.72 -37.33 2.24
N LYS D 185 -14.11 -36.39 3.00
CA LYS D 185 -13.65 -36.64 4.37
C LYS D 185 -14.67 -36.20 5.41
N ASN D 186 -14.93 -37.08 6.40
CA ASN D 186 -15.87 -36.83 7.51
C ASN D 186 -15.34 -35.71 8.40
N LEU D 187 -16.25 -34.90 8.97
CA LEU D 187 -15.90 -33.80 9.87
C LEU D 187 -15.29 -34.32 11.19
N THR D 188 -13.95 -34.38 11.26
CA THR D 188 -13.22 -34.77 12.46
C THR D 188 -12.87 -33.49 13.21
N GLY D 189 -13.61 -33.27 14.29
CA GLY D 189 -13.49 -32.08 15.14
C GLY D 189 -14.87 -31.56 15.54
N THR D 190 -14.92 -30.30 16.00
CA THR D 190 -16.15 -29.65 16.44
C THR D 190 -16.68 -28.75 15.32
N ALA D 191 -17.98 -28.94 14.94
CA ALA D 191 -18.64 -28.19 13.87
C ALA D 191 -18.59 -26.67 14.05
N ARG D 192 -18.70 -26.20 15.31
CA ARG D 192 -18.67 -24.76 15.62
C ARG D 192 -17.38 -24.05 15.15
N TYR D 193 -16.23 -24.72 15.34
CA TYR D 193 -14.92 -24.14 15.04
C TYR D 193 -14.27 -24.71 13.79
N ALA D 194 -14.93 -25.67 13.10
CA ALA D 194 -14.42 -26.27 11.88
C ALA D 194 -14.21 -25.22 10.76
N SER D 195 -13.12 -25.37 10.01
CA SER D 195 -12.79 -24.51 8.88
C SER D 195 -13.84 -24.72 7.77
N ILE D 196 -13.94 -23.77 6.80
CA ILE D 196 -14.83 -23.90 5.64
C ILE D 196 -14.43 -25.16 4.83
N ASN D 197 -13.12 -25.38 4.63
CA ASN D 197 -12.61 -26.55 3.92
C ASN D 197 -12.97 -27.88 4.59
N THR D 198 -13.15 -27.89 5.93
CA THR D 198 -13.57 -29.09 6.66
C THR D 198 -15.03 -29.37 6.33
N HIS D 199 -15.88 -28.33 6.37
CA HIS D 199 -17.31 -28.41 6.02
C HIS D 199 -17.51 -28.93 4.60
N LEU D 200 -16.57 -28.62 3.70
CA LEU D 200 -16.59 -29.06 2.29
C LEU D 200 -16.16 -30.53 2.15
N GLY D 201 -15.60 -31.10 3.21
CA GLY D 201 -15.14 -32.49 3.25
C GLY D 201 -13.70 -32.68 2.81
N ILE D 202 -12.91 -31.60 2.81
CA ILE D 202 -11.51 -31.72 2.41
C ILE D 202 -10.60 -32.11 3.58
N GLU D 203 -9.55 -32.90 3.29
CA GLU D 203 -8.56 -33.34 4.28
C GLU D 203 -7.96 -32.15 5.06
N GLN D 204 -7.94 -32.25 6.38
CA GLN D 204 -7.41 -31.18 7.24
C GLN D 204 -5.90 -31.09 7.16
N SER D 205 -5.38 -29.86 7.24
CA SER D 205 -3.95 -29.59 7.21
C SER D 205 -3.66 -28.45 8.21
N ARG D 206 -2.41 -27.89 8.18
CA ARG D 206 -1.96 -26.83 9.11
C ARG D 206 -2.86 -25.60 9.12
N ARG D 207 -3.32 -25.16 7.93
CA ARG D 207 -4.21 -24.01 7.77
C ARG D 207 -5.54 -24.15 8.55
N ASP D 208 -6.08 -25.38 8.64
CA ASP D 208 -7.34 -25.69 9.30
C ASP D 208 -7.28 -25.51 10.81
N ASP D 209 -6.15 -25.87 11.44
CA ASP D 209 -5.94 -25.70 12.89
C ASP D 209 -5.94 -24.19 13.17
N LEU D 210 -5.26 -23.41 12.31
CA LEU D 210 -5.19 -21.95 12.44
C LEU D 210 -6.53 -21.26 12.17
N GLU D 211 -7.29 -21.71 11.16
CA GLU D 211 -8.60 -21.11 10.85
C GLU D 211 -9.56 -21.36 12.03
N SER D 212 -9.50 -22.58 12.62
CA SER D 212 -10.31 -22.92 13.82
C SER D 212 -9.96 -21.98 14.97
N LEU D 213 -8.65 -21.67 15.16
CA LEU D 213 -8.20 -20.73 16.17
C LEU D 213 -8.81 -19.35 15.93
N GLY D 214 -8.87 -18.92 14.66
CA GLY D 214 -9.50 -17.67 14.27
C GLY D 214 -10.94 -17.55 14.71
N TYR D 215 -11.74 -18.64 14.54
CA TYR D 215 -13.14 -18.68 14.99
C TYR D 215 -13.23 -18.69 16.50
N VAL D 216 -12.26 -19.36 17.19
CA VAL D 216 -12.23 -19.42 18.68
C VAL D 216 -11.99 -17.99 19.22
N LEU D 217 -11.06 -17.22 18.59
CA LEU D 217 -10.76 -15.84 18.99
C LEU D 217 -11.98 -14.92 18.82
N MET D 218 -12.72 -15.06 17.70
CA MET D 218 -13.95 -14.31 17.44
C MET D 218 -15.09 -14.71 18.40
N TYR D 219 -15.15 -16.01 18.75
CA TYR D 219 -16.07 -16.58 19.73
C TYR D 219 -15.84 -15.89 21.09
N PHE D 220 -14.55 -15.72 21.48
CA PHE D 220 -14.16 -15.03 22.74
C PHE D 220 -14.54 -13.55 22.68
N ASN D 221 -14.46 -12.92 21.48
CA ASN D 221 -14.85 -11.51 21.32
C ASN D 221 -16.35 -11.29 21.39
N LEU D 222 -17.14 -12.16 20.75
CA LEU D 222 -18.60 -12.02 20.64
C LEU D 222 -19.42 -12.64 21.74
N GLY D 223 -18.88 -13.69 22.36
CA GLY D 223 -19.56 -14.46 23.40
C GLY D 223 -20.24 -15.68 22.80
N SER D 224 -20.38 -15.65 21.47
CA SER D 224 -21.00 -16.69 20.66
C SER D 224 -20.61 -16.50 19.19
N LEU D 225 -20.85 -17.54 18.37
CA LEU D 225 -20.59 -17.45 16.93
C LEU D 225 -21.95 -17.42 16.19
N PRO D 226 -22.11 -16.65 15.08
CA PRO D 226 -23.45 -16.57 14.44
C PRO D 226 -24.08 -17.89 13.97
N TRP D 227 -23.28 -18.97 13.88
CA TRP D 227 -23.73 -20.30 13.45
C TRP D 227 -23.91 -21.25 14.64
N GLN D 228 -23.82 -20.72 15.87
CA GLN D 228 -24.00 -21.45 17.11
C GLN D 228 -25.48 -21.48 17.46
N GLY D 229 -25.92 -22.62 18.01
CA GLY D 229 -27.31 -22.85 18.44
C GLY D 229 -28.33 -22.69 17.34
N LEU D 230 -28.02 -23.20 16.14
CA LEU D 230 -28.93 -23.14 15.00
C LEU D 230 -29.99 -24.24 15.13
N LYS D 231 -31.24 -23.94 14.71
CA LYS D 231 -32.36 -24.90 14.79
C LYS D 231 -32.16 -25.98 13.73
N ALA D 232 -32.16 -27.27 14.13
CA ALA D 232 -31.99 -28.42 13.24
C ALA D 232 -32.52 -29.74 13.83
N ALA D 233 -33.30 -30.49 13.02
CA ALA D 233 -33.91 -31.76 13.40
C ALA D 233 -32.90 -32.91 13.61
N THR D 234 -31.85 -32.99 12.76
CA THR D 234 -30.81 -34.03 12.82
C THR D 234 -29.40 -33.42 12.92
N LYS D 235 -28.38 -34.27 13.20
CA LYS D 235 -26.97 -33.88 13.28
C LYS D 235 -26.46 -33.36 11.92
N ARG D 236 -26.71 -34.09 10.81
CA ARG D 236 -26.23 -33.61 9.53
C ARG D 236 -26.92 -32.38 9.00
N GLN D 237 -28.22 -32.20 9.33
CA GLN D 237 -28.93 -30.98 8.97
C GLN D 237 -28.44 -29.80 9.83
N LYS D 238 -27.74 -30.07 10.96
CA LYS D 238 -27.12 -29.06 11.83
C LYS D 238 -25.77 -28.65 11.22
N TYR D 239 -24.91 -29.64 10.86
CA TYR D 239 -23.59 -29.44 10.24
C TYR D 239 -23.76 -28.67 8.91
N GLU D 240 -24.79 -29.06 8.11
CA GLU D 240 -25.17 -28.46 6.83
C GLU D 240 -25.57 -26.99 7.02
N ARG D 241 -26.34 -26.70 8.09
CA ARG D 241 -26.76 -25.34 8.43
C ARG D 241 -25.61 -24.47 8.93
N ILE D 242 -24.69 -25.03 9.74
CA ILE D 242 -23.48 -24.33 10.22
C ILE D 242 -22.60 -23.99 9.01
N SER D 243 -22.40 -24.98 8.09
CA SER D 243 -21.62 -24.83 6.86
C SER D 243 -22.19 -23.71 6.01
N GLU D 244 -23.52 -23.73 5.78
CA GLU D 244 -24.30 -22.75 5.00
C GLU D 244 -24.22 -21.35 5.63
N LYS D 245 -24.31 -21.25 6.98
CA LYS D 245 -24.22 -20.00 7.72
C LYS D 245 -22.77 -19.44 7.66
N LYS D 246 -21.75 -20.31 7.79
CA LYS D 246 -20.33 -19.92 7.74
C LYS D 246 -19.96 -19.35 6.37
N MET D 247 -20.47 -20.00 5.31
CA MET D 247 -20.20 -19.60 3.93
C MET D 247 -20.99 -18.35 3.51
N SER D 248 -22.14 -18.10 4.16
CA SER D 248 -22.95 -16.90 3.86
C SER D 248 -22.62 -15.71 4.81
N THR D 249 -21.69 -15.89 5.76
CA THR D 249 -21.29 -14.82 6.68
C THR D 249 -19.91 -14.29 6.29
N PRO D 250 -19.82 -13.14 5.55
CA PRO D 250 -18.50 -12.60 5.20
C PRO D 250 -17.65 -12.30 6.44
N ILE D 251 -16.34 -12.57 6.35
CA ILE D 251 -15.36 -12.34 7.42
C ILE D 251 -15.51 -10.90 8.01
N GLU D 252 -15.77 -9.91 7.14
CA GLU D 252 -15.98 -8.53 7.57
C GLU D 252 -17.26 -8.33 8.39
N VAL D 253 -18.32 -9.14 8.17
CA VAL D 253 -19.58 -9.08 8.95
C VAL D 253 -19.33 -9.77 10.31
N LEU D 254 -18.65 -10.93 10.29
CA LEU D 254 -18.29 -11.70 11.47
C LEU D 254 -17.47 -10.84 12.44
N CYS D 255 -16.47 -10.15 11.91
CA CYS D 255 -15.53 -9.33 12.67
C CYS D 255 -15.91 -7.86 12.85
N LYS D 256 -17.11 -7.45 12.37
CA LYS D 256 -17.62 -6.06 12.46
C LYS D 256 -17.60 -5.55 13.91
N GLY D 257 -17.05 -4.35 14.08
CA GLY D 257 -16.92 -3.68 15.36
C GLY D 257 -15.72 -4.12 16.18
N TYR D 258 -14.88 -5.03 15.64
CA TYR D 258 -13.69 -5.54 16.32
C TYR D 258 -12.45 -5.15 15.53
N PRO D 259 -11.23 -5.07 16.14
CA PRO D 259 -10.04 -4.71 15.34
C PRO D 259 -9.87 -5.56 14.07
N SER D 260 -9.43 -4.90 12.97
CA SER D 260 -9.25 -5.50 11.64
C SER D 260 -8.38 -6.76 11.62
N GLU D 261 -7.43 -6.87 12.59
CA GLU D 261 -6.48 -8.00 12.73
C GLU D 261 -7.18 -9.35 12.77
N PHE D 262 -8.38 -9.42 13.42
CA PHE D 262 -9.16 -10.66 13.50
C PHE D 262 -9.64 -11.11 12.13
N ALA D 263 -10.05 -10.14 11.27
CA ALA D 263 -10.47 -10.37 9.88
C ALA D 263 -9.25 -10.74 9.00
N THR D 264 -8.14 -9.98 9.14
CA THR D 264 -6.87 -10.19 8.41
C THR D 264 -6.36 -11.60 8.70
N TYR D 265 -6.43 -12.04 9.99
CA TYR D 265 -6.05 -13.37 10.44
C TYR D 265 -6.88 -14.42 9.69
N LEU D 266 -8.21 -14.31 9.75
CA LEU D 266 -9.08 -15.29 9.09
C LEU D 266 -8.92 -15.32 7.56
N ASN D 267 -8.72 -14.14 6.94
CA ASN D 267 -8.49 -14.02 5.50
C ASN D 267 -7.19 -14.71 5.10
N PHE D 268 -6.11 -14.54 5.92
CA PHE D 268 -4.82 -15.18 5.69
C PHE D 268 -4.96 -16.71 5.73
N CYS D 269 -5.66 -17.25 6.76
CA CYS D 269 -5.90 -18.68 6.95
C CYS D 269 -6.70 -19.27 5.78
N ARG D 270 -7.74 -18.54 5.32
CA ARG D 270 -8.60 -18.93 4.19
C ARG D 270 -7.86 -18.86 2.86
N SER D 271 -6.73 -18.10 2.80
CA SER D 271 -5.92 -17.96 1.58
C SER D 271 -4.81 -19.03 1.46
N LEU D 272 -4.45 -19.69 2.58
CA LEU D 272 -3.41 -20.70 2.60
C LEU D 272 -3.75 -21.91 1.74
N ARG D 273 -2.75 -22.44 1.05
CA ARG D 273 -2.93 -23.64 0.23
C ARG D 273 -2.88 -24.86 1.13
N PHE D 274 -3.37 -26.00 0.63
CA PHE D 274 -3.41 -27.26 1.37
C PHE D 274 -2.06 -27.65 1.99
N ASP D 275 -0.97 -27.67 1.22
CA ASP D 275 0.33 -28.08 1.80
C ASP D 275 1.21 -26.93 2.32
N ASP D 276 0.67 -25.70 2.32
CA ASP D 276 1.37 -24.50 2.75
C ASP D 276 1.82 -24.52 4.21
N LYS D 277 3.05 -24.06 4.43
CA LYS D 277 3.58 -23.84 5.76
C LYS D 277 3.09 -22.42 6.13
N PRO D 278 2.20 -22.29 7.14
CA PRO D 278 1.69 -20.96 7.52
C PRO D 278 2.77 -20.04 8.07
N ASP D 279 2.62 -18.72 7.86
CA ASP D 279 3.59 -17.77 8.41
C ASP D 279 3.13 -17.42 9.83
N TYR D 280 3.47 -18.29 10.81
CA TYR D 280 3.09 -18.16 12.22
C TYR D 280 3.58 -16.86 12.84
N SER D 281 4.82 -16.46 12.46
CA SER D 281 5.45 -15.22 12.90
C SER D 281 4.63 -14.01 12.47
N TYR D 282 4.13 -14.00 11.22
CA TYR D 282 3.31 -12.91 10.71
C TYR D 282 1.99 -12.78 11.53
N LEU D 283 1.33 -13.93 11.80
CA LEU D 283 0.07 -14.01 12.55
C LEU D 283 0.22 -13.50 13.98
N ARG D 284 1.34 -13.86 14.67
CA ARG D 284 1.61 -13.39 16.03
C ARG D 284 1.89 -11.89 16.02
N GLN D 285 2.69 -11.43 15.03
CA GLN D 285 3.05 -10.02 14.83
C GLN D 285 1.82 -9.16 14.60
N LEU D 286 0.81 -9.69 13.89
CA LEU D 286 -0.46 -9.03 13.58
C LEU D 286 -1.13 -8.62 14.91
N PHE D 287 -1.31 -9.61 15.82
CA PHE D 287 -1.90 -9.39 17.13
C PHE D 287 -0.99 -8.61 18.08
N ARG D 288 0.34 -8.83 18.00
CA ARG D 288 1.35 -8.15 18.82
C ARG D 288 1.37 -6.64 18.50
N ASN D 289 1.28 -6.24 17.21
CA ASN D 289 1.25 -4.83 16.81
C ASN D 289 -0.01 -4.14 17.32
N LEU D 290 -1.16 -4.86 17.27
CA LEU D 290 -2.42 -4.36 17.79
C LEU D 290 -2.36 -4.20 19.33
N PHE D 291 -1.73 -5.19 20.04
CA PHE D 291 -1.50 -5.18 21.48
C PHE D 291 -0.74 -3.92 21.89
N HIS D 292 0.35 -3.58 21.15
CA HIS D 292 1.17 -2.39 21.39
C HIS D 292 0.42 -1.08 21.09
N ARG D 293 -0.40 -1.04 19.99
CA ARG D 293 -1.19 0.15 19.64
CA ARG D 293 -1.24 0.12 19.60
C ARG D 293 -2.28 0.41 20.68
N GLN D 294 -2.80 -0.67 21.31
CA GLN D 294 -3.80 -0.57 22.38
C GLN D 294 -3.17 -0.12 23.71
N GLY D 295 -1.84 -0.19 23.80
CA GLY D 295 -1.09 0.20 24.99
C GLY D 295 -1.12 -0.80 26.13
N PHE D 296 -1.46 -2.06 25.81
CA PHE D 296 -1.51 -3.13 26.82
C PHE D 296 -0.10 -3.58 27.18
N SER D 297 0.10 -4.05 28.42
CA SER D 297 1.39 -4.58 28.87
C SER D 297 1.31 -6.11 28.95
N TYR D 298 2.36 -6.81 28.43
CA TYR D 298 2.45 -8.29 28.44
C TYR D 298 2.85 -8.73 29.87
N ASP D 299 1.90 -8.57 30.84
CA ASP D 299 2.06 -8.82 32.28
C ASP D 299 1.30 -10.06 32.77
N TYR D 300 0.60 -10.72 31.84
CA TYR D 300 -0.19 -11.94 32.03
C TYR D 300 -1.31 -11.83 33.05
N VAL D 301 -1.87 -10.63 33.17
CA VAL D 301 -3.02 -10.38 34.04
C VAL D 301 -4.24 -10.57 33.13
N PHE D 302 -4.84 -11.77 33.21
CA PHE D 302 -6.02 -12.12 32.40
C PHE D 302 -7.29 -11.66 33.12
N ASP D 303 -8.45 -11.63 32.42
CA ASP D 303 -9.72 -11.21 33.04
C ASP D 303 -10.05 -11.99 34.32
N TRP D 304 -9.84 -13.33 34.33
CA TRP D 304 -10.13 -14.15 35.51
C TRP D 304 -9.27 -13.85 36.71
N ASN D 305 -8.05 -13.28 36.51
CA ASN D 305 -7.15 -12.88 37.61
C ASN D 305 -7.69 -11.67 38.39
N MET D 306 -8.71 -10.97 37.82
CA MET D 306 -9.37 -9.79 38.39
C MET D 306 -10.60 -10.14 39.23
N LEU D 307 -11.05 -11.41 39.18
CA LEU D 307 -12.23 -11.91 39.88
C LEU D 307 -11.87 -12.33 41.31
N3 1QM E . -3.70 21.26 27.97
C4 1QM E . -4.35 19.77 29.50
N2 1QM E . -5.06 21.23 27.87
C7 1QM E . -7.73 20.00 27.89
C6 1QM E . -6.90 20.11 29.01
C9 1QM E . -9.63 19.88 29.37
C13 1QM E . -2.89 22.14 27.13
C8 1QM E . -9.11 19.87 28.07
C18 1QM E . -2.72 17.65 33.77
C16 1QM E . -1.17 18.97 31.48
C1 1QM E . -4.39 18.74 30.51
C2 1QM E . -5.39 17.77 30.45
C3 1QM E . -5.43 16.79 31.44
N1 1QM E . -4.59 16.74 32.49
C5 1QM E . -5.47 20.32 28.81
C10 1QM E . -8.79 19.98 30.48
C11 1QM E . -7.42 20.08 30.29
F1 1QM E . -10.93 19.79 29.55
C12 1QM E . -3.23 20.40 28.96
C14 1QM E . -3.62 17.68 32.56
C15 1QM E . -3.46 18.65 31.56
O1 1QM E . -2.44 19.57 31.64
N4 1QM E . -1.31 17.39 33.45
C17 1QM E . -0.61 18.52 32.84
H3 1QM E . -7.32 20.01 26.88
H8 1QM E . -3.47 22.54 26.28
H10 1QM E . -2.02 21.59 26.72
H9 1QM E . -2.51 22.99 27.72
H4 1QM E . -9.76 19.77 27.20
H17 1QM E . -3.04 16.87 34.50
H16 1QM E . -2.82 18.62 34.31
H11 1QM E . -1.16 18.16 30.74
H12 1QM E . -0.55 19.81 31.07
H1 1QM E . -6.11 17.77 29.64
H2 1QM E . -6.20 16.00 31.44
H5 1QM E . -9.22 19.99 31.49
H6 1QM E . -6.76 20.14 31.16
H7 1QM E . -2.18 20.28 29.20
H13 1QM E . -1.22 16.53 32.88
H14 1QM E . 0.46 18.24 32.72
H15 1QM E . -0.60 19.37 33.56
S SO4 F . 10.80 29.18 18.49
O1 SO4 F . 11.19 27.95 17.79
O2 SO4 F . 11.15 29.01 19.90
O3 SO4 F . 11.53 30.36 17.97
O4 SO4 F . 9.36 29.33 18.29
S SO4 G . 0.84 -1.49 11.61
O1 SO4 G . 0.60 -1.98 12.97
O2 SO4 G . 1.49 -2.57 10.89
O3 SO4 G . -0.41 -1.13 10.97
O4 SO4 G . 1.71 -0.31 11.70
N3 1QM H . 27.42 20.99 -29.43
C4 1QM H . 27.64 19.51 -31.09
N2 1QM H . 28.72 20.59 -29.36
C7 1QM H . 30.90 18.59 -29.54
C6 1QM H . 30.16 19.06 -30.62
C9 1QM H . 32.68 18.03 -31.05
C13 1QM H . 26.89 22.01 -28.53
C8 1QM H . 32.17 18.06 -29.74
C18 1QM H . 25.59 18.52 -35.57
C16 1QM H . 24.47 20.07 -33.14
C1 1QM H . 27.39 18.64 -32.20
C2 1QM H . 28.04 17.41 -32.27
C3 1QM H . 27.82 16.59 -33.39
N1 1QM H . 27.04 16.93 -34.42
C5 1QM H . 28.87 19.68 -30.37
C10 1QM H . 31.94 18.49 -32.14
C11 1QM H . 30.67 19.00 -31.91
F1 1QM H . 33.90 17.54 -31.25
C12 1QM H . 26.73 20.37 -30.46
C14 1QM H . 26.40 18.12 -34.35
C15 1QM H . 26.52 18.98 -33.25
O1 1QM H . 25.88 20.18 -33.20
N4 1QM H . 24.16 18.75 -35.30
C17 1QM H . 23.88 19.99 -34.56
H3 1QM H . 30.49 18.63 -28.52
H8 1QM H . 27.50 22.13 -27.62
H10 1QM H . 25.85 21.75 -28.21
H9 1QM H . 26.84 23.00 -29.03
H4 1QM H . 32.76 17.69 -28.90
H17 1QM H . 25.65 17.75 -36.37
H16 1QM H . 26.05 19.44 -36.01
H11 1QM H . 24.13 19.21 -32.52
H12 1QM H . 24.16 21.00 -32.64
H1 1QM H . 28.70 17.09 -31.47
H2 1QM H . 28.30 15.61 -33.47
H5 1QM H . 32.35 18.45 -33.15
H6 1QM H . 30.07 19.36 -32.76
H7 1QM H . 25.69 20.57 -30.69
H13 1QM H . 23.75 17.93 -34.83
H14 1QM H . 22.77 20.11 -34.50
H15 1QM H . 24.22 20.86 -35.17
S SO4 I . 15.34 31.48 -18.23
O1 SO4 I . 14.56 32.65 -17.80
O2 SO4 I . 16.67 31.54 -17.64
O3 SO4 I . 14.68 30.24 -17.81
O4 SO4 I . 15.43 31.51 -19.70
S SO4 J . 34.01 22.65 -9.44
O1 SO4 J . 34.51 24.02 -9.28
O2 SO4 J . 34.05 22.29 -10.85
O3 SO4 J . 34.82 21.70 -8.68
O4 SO4 J . 32.63 22.59 -8.95
N3 1QM K . -21.28 -3.74 -27.66
C4 1QM K . -20.15 -2.57 -29.19
N2 1QM K . -21.72 -2.46 -27.52
C7 1QM K . -21.55 0.49 -27.51
C6 1QM K . -21.38 -0.33 -28.64
C9 1QM K . -22.17 2.29 -28.95
C13 1QM K . -21.83 -4.84 -26.86
C8 1QM K . -21.93 1.81 -27.66
C18 1QM K . -17.59 -3.36 -33.45
C16 1QM K . -18.40 -5.28 -31.19
C1 1QM K . -19.22 -2.17 -30.22
C2 1QM K . -18.67 -0.89 -30.18
C3 1QM K . -17.77 -0.49 -31.17
N1 1QM K . -17.42 -1.28 -32.21
C5 1QM K . -21.05 -1.74 -28.46
C10 1QM K . -22.01 1.49 -30.08
C11 1QM K . -21.60 0.18 -29.91
F1 1QM K . -22.54 3.56 -29.10
C12 1QM K . -20.32 -3.86 -28.66
C14 1QM K . -17.96 -2.52 -32.25
C15 1QM K . -18.83 -3.01 -31.26
O1 1QM K . -19.35 -4.26 -31.35
N4 1QM K . -16.89 -4.60 -33.11
C17 1QM K . -17.74 -5.64 -32.53
H3 1QM K . -21.37 0.07 -26.51
H8 1QM K . -22.39 -4.46 -25.99
H10 1QM K . -21.01 -5.49 -26.49
H9 1QM K . -22.52 -5.44 -27.46
H4 1QM K . -22.03 2.45 -26.78
H17 1QM K . -16.95 -2.80 -34.17
H16 1QM K . -18.53 -3.58 -34.03
H11 1QM K . -17.63 -5.05 -30.41
H12 1QM K . -18.99 -6.14 -30.81
H1 1QM K . -18.93 -0.20 -29.36
H2 1QM K . -17.31 0.50 -31.17
H5 1QM K . -22.22 1.89 -31.07
H6 1QM K . -21.45 -0.46 -30.79
H7 1QM K . -19.84 -4.79 -28.92
H13 1QM K . -16.07 -4.41 -32.51
H14 1QM K . -17.13 -6.56 -32.41
H15 1QM K . -18.53 -5.92 -33.28
S SO4 L . 1.77 0.33 -11.41
O1 SO4 L . 1.14 -0.77 -12.13
O2 SO4 L . 2.65 -0.20 -10.37
O3 SO4 L . 2.63 1.12 -12.25
O4 SO4 L . 0.73 1.19 -10.84
S SO4 M . -23.40 -20.50 -18.01
O1 SO4 M . -24.27 -21.67 -17.87
O2 SO4 M . -22.66 -20.64 -19.23
O3 SO4 M . -22.50 -20.43 -16.89
O4 SO4 M . -24.20 -19.29 -18.03
N3 1QM N . -8.83 -33.14 29.54
C4 1QM N . -7.37 -32.86 31.21
N2 1QM N . -7.98 -34.19 29.43
C7 1QM N . -5.45 -35.61 29.51
C6 1QM N . -6.05 -35.05 30.64
C9 1QM N . -4.19 -37.07 30.93
C13 1QM N . -9.97 -32.99 28.62
C8 1QM N . -4.52 -36.63 29.64
C18 1QM N . -7.17 -30.61 35.71
C16 1QM N . -9.00 -30.05 33.30
C1 1QM N . -6.65 -32.31 32.33
C2 1QM N . -5.27 -32.48 32.40
C3 1QM N . -4.57 -31.98 33.51
N1 1QM N . -5.17 -31.37 34.55
C5 1QM N . -7.08 -34.04 30.46
C10 1QM N . -4.79 -36.52 32.07
C11 1QM N . -5.72 -35.50 31.91
F1 1QM N . -3.29 -38.04 31.08
C12 1QM N . -8.51 -32.31 30.61
C14 1QM N . -6.51 -31.21 34.49
C15 1QM N . -7.27 -31.61 33.37
O1 1QM N . -8.62 -31.40 33.33
N4 1QM N . -7.87 -29.33 35.45
C17 1QM N . -9.14 -29.49 34.73
H3 1QM N . -5.70 -35.25 28.50
H8 1QM N . -9.74 -33.42 27.63
H10 1QM N . -10.21 -31.92 28.49
H9 1QM N . -10.86 -33.49 29.03
H4 1QM N . -4.04 -37.07 28.77
H17 1QM N . -6.42 -30.40 36.52
H16 1QM N . -7.87 -31.36 36.14
H11 1QM N . -8.33 -29.42 32.68
H12 1QM N . -9.98 -30.08 32.79
H1 1QM N . -4.73 -32.99 31.60
H2 1QM N . -3.49 -32.07 33.58
H5 1QM N . -4.53 -36.89 33.07
H6 1QM N . -6.21 -35.07 32.79
H7 1QM N . -9.08 -31.41 30.86
H13 1QM N . -7.25 -28.67 34.99
H14 1QM N . -9.64 -28.50 34.69
H15 1QM N . -9.82 -30.13 35.34
S SO4 O . -23.32 -25.45 18.56
O1 SO4 O . -22.82 -26.72 18.02
O2 SO4 O . -23.36 -25.54 20.03
O3 SO4 O . -22.42 -24.37 18.19
O4 SO4 O . -24.68 -25.20 18.05
S SO4 P . -8.88 -39.62 9.32
O1 SO4 P . -9.53 -40.89 8.93
O2 SO4 P . -9.77 -38.50 8.96
O3 SO4 P . -8.64 -39.62 10.78
O4 SO4 P . -7.60 -39.49 8.65
S SO4 Q . 7.21 -27.87 5.20
O1 SO4 Q . 8.57 -27.93 4.65
O2 SO4 Q . 6.65 -29.20 5.40
O3 SO4 Q . 7.28 -27.18 6.50
O4 SO4 Q . 6.35 -27.10 4.28
#